data_8THZ
#
_entry.id   8THZ
#
_cell.length_a   1.00
_cell.length_b   1.00
_cell.length_c   1.00
_cell.angle_alpha   90.00
_cell.angle_beta   90.00
_cell.angle_gamma   90.00
#
_symmetry.space_group_name_H-M   'P 1'
#
loop_
_entity.id
_entity.type
_entity.pdbx_description
1 polymer 'CBH-7 Heavy chain'
2 polymer 'CBH-7 Light chain'
3 polymer 'envelope glycoprotein E2'
4 polymer 'HC84.26 Heavy chain'
5 polymer 'HC84.26 Light chain'
6 branched 2-acetamido-2-deoxy-beta-D-glucopyranose-(1-4)-2-acetamido-2-deoxy-beta-D-glucopyranose
7 branched 2-acetamido-2-deoxy-beta-D-glucopyranose-(1-3)-2-acetamido-2-deoxy-beta-D-glucopyranose
8 branched beta-D-mannopyranose-(1-3)-beta-D-mannopyranose-(1-4)-2-acetamido-2-deoxy-beta-D-glucopyranose-(1-4)-2-acetamido-2-deoxy-beta-D-glucopyranose
9 branched beta-D-mannopyranose-(1-3)-[beta-D-mannopyranose-(1-6)]beta-D-mannopyranose-(1-4)-2-acetamido-2-deoxy-beta-D-glucopyranose-(1-4)-2-acetamido-2-deoxy-beta-D-glucopyranose
#
loop_
_entity_poly.entity_id
_entity_poly.type
_entity_poly.pdbx_seq_one_letter_code
_entity_poly.pdbx_strand_id
1 'polypeptide(L)'
;MDWTWRFLFVVAAATVQSQVQLVQSGAEVRKPGSSVKISCKASGGTFNNYALSWVRQAPGQGLDWMGEITPIFGTEKYAQ
KFQGRVTITADESTNTLYMDLSSLRSEDSAVYYCARRGYIYGSPFDYWGQGTLVTVSSASTKGPSVFPLAPSSKSTSGGT
AALGCLVKDYFPEPVTVSWNSGALTSGVHTFPAVLQSSGLYSLSSVVTVPSSSLGTQTYICNVNHKPSNTKVDKRVEPKS
CDKTAGWSHPQFEK
;
H
2 'polypeptide(L)'
;MDMRVPAQLLGLLLLWLRARCDVLMTQSPSSLSASVGDRVTISCRASQSISSFLNWYQQKPGKAPKLLISAASSLSSGVP
SRFSGSGSGTSFTLTISSLQPEDVATYYCQQSYSFLLTFGGGTNVEIKRTVAAPSVFIFPPSDEQLKSGTASVVCLLNNF
YPREAKVQWKVDNALQSGNSQESVTEQDSKDSTYSLSSTLTLSKADYEKHKVYACEVTHQGLSSPVTKSFNRGEC
;
L
3 'polypeptide(L)'
;METDTLLLWVLLLWVPGSTGDSTHVTGGTASHTTRHFASLFSSGASQRVQLINTNGSWHINRTALNCNDSLHTGFLAALF
YTHKFNASGCPERMAHCRPIDEFAQGWGPITYAEGHGSDQRPYCWHYAPRQCGTIPASQVCGPVYCFTPSPVVVGTTDRF
GAPTYTWGENETDVLILNNTRPPQGNWFGCTWMNSTGFTKTCGGPPCNIGGVGNNTLTCPTDCFRKHPEATYTKCGSGPW
LTPRCLVDYPYRLWHYPCTVNFTIFKVRMYVGGVEHRLNAACNIGHHHHHH
;
A
4 'polypeptide(L)'
;METDTLLLWVLLLWVPGSTGDQVQPVQSGAEVKKPGSSVKVSCEASGGTHSNYVITWVRQAPGQGLEWMGGFIPDFRTAM
YAQGFQGRVTITADESTSLAYMELTNLRSEDTAVYYCARGPLSRGYYDYWGPGTLVTVSSASTKGPSVFPLAPSSKSTSG
GTAALGCLVKDYFPEPVTVSWNSGALTSGVHTFPAVLQSSGLYSLSSVVTVPSSSLGTQTYICNVNHKPSNTKVDKRVEP
KSCDKTAGWSHPQFEKTAATGACTCGAG
;
E
5 'polypeptide(L)'
;METDTLLLWVLLLWVPGSTGDSYVLTQPPSVSVAPGQTASITCSGDKLGDKYVSWYQQRPGQSPVLVLYQDSKRPSGIPE
RFSGSNSGNTATLTISGTQAMDEADYYCQAWDSSALVFGGGTKLTVLRTVAAPSVFIFPPSDEQLKSGTASVVCLLNNFY
PREAKVQWKVDNALQSGNSQESVTEQDSKDSTYSLSSTLTLSKADYEKHKVYACEVTHQGLSSPVTKSFNRGEC
;
F
#
# COMPACT_ATOMS: atom_id res chain seq x y z
N GLN A 19 -14.37 -2.98 -4.86
CA GLN A 19 -14.06 -4.23 -5.61
C GLN A 19 -12.84 -4.05 -6.50
N VAL A 20 -11.80 -3.42 -5.95
CA VAL A 20 -10.58 -3.20 -6.71
C VAL A 20 -10.00 -4.55 -7.13
N GLN A 21 -9.46 -4.59 -8.34
CA GLN A 21 -8.71 -5.75 -8.83
C GLN A 21 -7.37 -5.22 -9.31
N LEU A 22 -6.33 -5.41 -8.51
CA LEU A 22 -5.00 -4.99 -8.92
C LEU A 22 -4.48 -5.90 -10.03
N VAL A 23 -3.94 -5.30 -11.08
CA VAL A 23 -3.42 -5.99 -12.24
C VAL A 23 -1.96 -5.60 -12.41
N GLN A 24 -1.09 -6.59 -12.56
CA GLN A 24 0.34 -6.36 -12.70
C GLN A 24 0.76 -6.64 -14.13
N SER A 25 2.05 -6.47 -14.40
CA SER A 25 2.60 -6.67 -15.72
C SER A 25 3.09 -8.11 -15.89
N GLY A 26 3.49 -8.45 -17.11
CA GLY A 26 3.95 -9.78 -17.40
C GLY A 26 5.32 -10.05 -16.83
N ALA A 27 5.74 -11.31 -16.93
CA ALA A 27 7.02 -11.73 -16.36
C ALA A 27 8.16 -10.98 -17.04
N GLU A 28 9.19 -10.67 -16.25
CA GLU A 28 10.38 -10.01 -16.76
C GLU A 28 11.61 -10.88 -16.54
N VAL A 29 12.46 -10.93 -17.57
CA VAL A 29 13.73 -11.63 -17.53
C VAL A 29 14.82 -10.57 -17.74
N ARG A 30 15.74 -10.48 -16.80
CA ARG A 30 16.78 -9.45 -16.82
C ARG A 30 18.13 -10.09 -16.58
N LYS A 31 19.17 -9.25 -16.56
CA LYS A 31 20.54 -9.66 -16.38
C LYS A 31 21.09 -9.08 -15.09
N PRO A 32 22.15 -9.66 -14.53
CA PRO A 32 22.76 -9.07 -13.33
C PRO A 32 23.23 -7.65 -13.59
N GLY A 33 23.03 -6.79 -12.60
CA GLY A 33 23.40 -5.39 -12.71
C GLY A 33 22.42 -4.52 -13.47
N SER A 34 21.30 -5.08 -13.93
CA SER A 34 20.32 -4.32 -14.69
C SER A 34 19.28 -3.74 -13.73
N SER A 35 18.18 -3.22 -14.28
CA SER A 35 17.11 -2.64 -13.49
C SER A 35 15.78 -3.14 -14.02
N VAL A 36 14.77 -3.13 -13.15
CA VAL A 36 13.42 -3.53 -13.52
C VAL A 36 12.44 -2.51 -12.96
N LYS A 37 11.31 -2.38 -13.65
CA LYS A 37 10.22 -1.51 -13.23
C LYS A 37 8.92 -2.28 -13.40
N ILE A 38 8.25 -2.59 -12.30
CA ILE A 38 6.99 -3.32 -12.34
C ILE A 38 5.86 -2.37 -11.96
N SER A 39 4.77 -2.43 -12.73
CA SER A 39 3.61 -1.59 -12.53
C SER A 39 2.48 -2.39 -11.88
N CYS A 40 1.57 -1.67 -11.23
CA CYS A 40 0.40 -2.26 -10.59
C CYS A 40 -0.74 -1.26 -10.78
N LYS A 41 -1.72 -1.62 -11.61
CA LYS A 41 -2.86 -0.77 -11.93
C LYS A 41 -4.09 -1.28 -11.19
N ALA A 42 -4.80 -0.37 -10.53
CA ALA A 42 -6.00 -0.74 -9.78
C ALA A 42 -7.20 -0.71 -10.72
N SER A 43 -7.57 -1.87 -11.26
CA SER A 43 -8.75 -1.95 -12.12
C SER A 43 -10.01 -1.78 -11.27
N GLY A 44 -10.85 -0.83 -11.66
CA GLY A 44 -12.07 -0.55 -10.93
C GLY A 44 -11.85 0.00 -9.54
N GLY A 45 -10.86 0.88 -9.38
CA GLY A 45 -10.58 1.43 -8.08
C GLY A 45 -9.68 2.64 -8.16
N THR A 46 -9.21 3.07 -6.99
CA THR A 46 -8.36 4.24 -6.86
C THR A 46 -7.32 4.01 -5.78
N PHE A 47 -6.09 4.47 -6.03
CA PHE A 47 -5.01 4.28 -5.07
C PHE A 47 -5.04 5.33 -3.96
N ASN A 48 -5.56 6.52 -4.23
CA ASN A 48 -5.60 7.56 -3.23
C ASN A 48 -6.49 7.13 -2.07
N ASN A 49 -6.17 7.64 -0.87
CA ASN A 49 -6.89 7.30 0.35
C ASN A 49 -6.55 5.89 0.83
N TYR A 50 -5.35 5.41 0.51
CA TYR A 50 -4.91 4.08 0.88
C TYR A 50 -3.39 4.11 1.06
N ALA A 51 -2.86 2.99 1.55
CA ALA A 51 -1.43 2.77 1.62
C ALA A 51 -1.08 1.60 0.71
N LEU A 52 -0.05 1.75 -0.10
CA LEU A 52 0.32 0.73 -1.08
C LEU A 52 1.66 0.14 -0.71
N SER A 53 1.71 -1.18 -0.55
CA SER A 53 2.92 -1.88 -0.17
C SER A 53 3.28 -2.90 -1.23
N TRP A 54 4.57 -3.21 -1.30
CA TRP A 54 5.07 -4.24 -2.21
C TRP A 54 5.60 -5.42 -1.40
N VAL A 55 5.14 -6.62 -1.76
CA VAL A 55 5.48 -7.84 -1.03
C VAL A 55 6.05 -8.84 -2.02
N ARG A 56 7.24 -9.37 -1.73
CA ARG A 56 7.87 -10.34 -2.62
C ARG A 56 7.92 -11.70 -1.97
N GLN A 57 7.77 -12.73 -2.80
CA GLN A 57 7.82 -14.12 -2.36
C GLN A 57 8.88 -14.82 -3.23
N ALA A 58 10.00 -15.14 -2.61
CA ALA A 58 10.99 -15.99 -3.27
C ALA A 58 10.46 -17.42 -3.31
N PRO A 59 10.73 -18.17 -4.38
CA PRO A 59 10.25 -19.55 -4.44
C PRO A 59 10.71 -20.35 -3.23
N GLY A 60 9.79 -21.13 -2.67
CA GLY A 60 10.11 -21.91 -1.49
C GLY A 60 10.48 -21.07 -0.29
N GLN A 61 9.76 -19.97 -0.07
CA GLN A 61 10.04 -19.08 1.05
C GLN A 61 8.77 -18.29 1.37
N GLY A 62 8.76 -17.68 2.54
CA GLY A 62 7.62 -16.91 2.98
C GLY A 62 7.58 -15.52 2.38
N LEU A 63 6.49 -14.82 2.68
CA LEU A 63 6.30 -13.47 2.16
C LEU A 63 7.24 -12.48 2.85
N ASP A 64 7.59 -11.41 2.13
CA ASP A 64 8.48 -10.39 2.66
C ASP A 64 7.95 -9.02 2.28
N TRP A 65 8.28 -8.02 3.09
CA TRP A 65 7.77 -6.67 2.93
C TRP A 65 8.83 -5.79 2.29
N MET A 66 8.48 -5.15 1.18
CA MET A 66 9.43 -4.30 0.45
C MET A 66 9.35 -2.85 0.93
N GLY A 67 8.21 -2.21 0.70
CA GLY A 67 8.02 -0.83 1.11
C GLY A 67 6.58 -0.42 0.96
N GLU A 68 6.34 0.86 1.22
CA GLU A 68 5.00 1.42 1.34
C GLU A 68 5.02 2.88 0.91
N ILE A 69 3.93 3.31 0.29
CA ILE A 69 3.72 4.70 -0.08
C ILE A 69 2.30 5.10 0.30
N THR A 70 2.17 6.23 0.99
CA THR A 70 0.90 6.83 1.36
C THR A 70 0.74 8.14 0.60
N PRO A 71 -0.22 8.23 -0.35
CA PRO A 71 -0.39 9.47 -1.14
C PRO A 71 -0.73 10.69 -0.32
N ILE A 72 -1.83 10.64 0.44
CA ILE A 72 -2.34 11.85 1.09
C ILE A 72 -1.31 12.40 2.06
N PHE A 73 -0.69 11.53 2.86
CA PHE A 73 0.37 12.00 3.76
C PHE A 73 1.65 12.34 3.01
N GLY A 74 1.74 11.96 1.74
CA GLY A 74 2.98 12.17 1.00
C GLY A 74 4.15 11.49 1.66
N THR A 75 3.96 10.27 2.15
CA THR A 75 4.96 9.59 2.96
C THR A 75 5.38 8.29 2.27
N GLU A 76 6.65 7.92 2.43
CA GLU A 76 7.15 6.66 1.90
C GLU A 76 8.04 6.00 2.93
N LYS A 77 7.78 4.72 3.18
CA LYS A 77 8.59 3.90 4.08
C LYS A 77 9.21 2.77 3.28
N TYR A 78 10.53 2.69 3.27
CA TYR A 78 11.23 1.64 2.55
C TYR A 78 11.96 0.75 3.53
N ALA A 79 11.62 -0.53 3.53
CA ALA A 79 12.31 -1.48 4.39
C ALA A 79 13.80 -1.44 4.11
N GLN A 80 14.60 -1.37 5.16
CA GLN A 80 16.04 -1.24 4.99
C GLN A 80 16.69 -2.53 4.52
N LYS A 81 15.93 -3.63 4.42
CA LYS A 81 16.48 -4.86 3.86
C LYS A 81 16.96 -4.65 2.44
N PHE A 82 16.16 -3.98 1.62
CA PHE A 82 16.56 -3.61 0.26
C PHE A 82 17.25 -2.26 0.35
N GLN A 83 18.58 -2.27 0.24
CA GLN A 83 19.38 -1.11 0.60
C GLN A 83 19.27 0.01 -0.42
N GLY A 84 18.11 0.66 -0.46
CA GLY A 84 17.91 1.81 -1.31
C GLY A 84 17.62 1.49 -2.77
N ARG A 85 17.59 0.22 -3.15
CA ARG A 85 17.33 -0.15 -4.53
C ARG A 85 15.87 -0.03 -4.92
N VAL A 86 14.96 -0.02 -3.94
CA VAL A 86 13.53 0.07 -4.20
C VAL A 86 13.13 1.54 -4.20
N THR A 87 12.43 1.96 -5.24
CA THR A 87 11.81 3.28 -5.28
C THR A 87 10.41 3.14 -5.84
N ILE A 88 9.43 3.49 -5.04
CA ILE A 88 8.02 3.41 -5.42
C ILE A 88 7.54 4.80 -5.83
N THR A 89 6.61 4.83 -6.76
CA THR A 89 5.96 6.06 -7.18
C THR A 89 4.53 5.75 -7.58
N ALA A 90 3.69 6.79 -7.59
CA ALA A 90 2.30 6.67 -7.98
C ALA A 90 1.95 7.76 -8.97
N ASP A 91 1.18 7.39 -9.99
CA ASP A 91 0.67 8.33 -11.01
C ASP A 91 -0.84 8.30 -10.98
N GLU A 92 -1.44 9.37 -10.45
CA GLU A 92 -2.88 9.48 -10.38
C GLU A 92 -3.50 9.67 -11.76
N SER A 93 -2.82 10.39 -12.65
CA SER A 93 -3.35 10.59 -13.99
C SER A 93 -3.55 9.25 -14.71
N THR A 94 -2.57 8.36 -14.59
CA THR A 94 -2.69 7.02 -15.12
C THR A 94 -3.22 6.03 -14.08
N ASN A 95 -3.20 6.39 -12.80
CA ASN A 95 -3.68 5.53 -11.72
C ASN A 95 -2.87 4.23 -11.67
N THR A 96 -1.56 4.39 -11.58
CA THR A 96 -0.67 3.23 -11.55
C THR A 96 0.39 3.40 -10.47
N LEU A 97 0.85 2.26 -9.95
CA LEU A 97 1.87 2.21 -8.90
C LEU A 97 3.10 1.55 -9.48
N TYR A 98 4.20 2.29 -9.55
CA TYR A 98 5.45 1.81 -10.11
C TYR A 98 6.41 1.45 -8.98
N MET A 99 7.11 0.34 -9.14
CA MET A 99 8.20 -0.04 -8.25
C MET A 99 9.43 -0.29 -9.10
N ASP A 100 10.51 0.43 -8.80
CA ASP A 100 11.77 0.34 -9.54
C ASP A 100 12.82 -0.30 -8.64
N LEU A 101 13.44 -1.37 -9.15
CA LEU A 101 14.51 -2.08 -8.47
C LEU A 101 15.75 -2.06 -9.35
N SER A 102 16.86 -1.57 -8.80
CA SER A 102 18.11 -1.46 -9.54
C SER A 102 19.14 -2.42 -8.98
N SER A 103 20.16 -2.70 -9.80
CA SER A 103 21.22 -3.64 -9.44
C SER A 103 20.63 -5.00 -9.08
N LEU A 104 19.93 -5.58 -10.05
CA LEU A 104 19.28 -6.87 -9.87
C LEU A 104 20.33 -7.96 -9.75
N ARG A 105 20.56 -8.44 -8.53
CA ARG A 105 21.47 -9.56 -8.34
C ARG A 105 20.72 -10.87 -8.56
N SER A 106 21.47 -11.98 -8.53
CA SER A 106 20.87 -13.28 -8.83
C SER A 106 19.77 -13.63 -7.84
N GLU A 107 19.97 -13.30 -6.56
CA GLU A 107 19.02 -13.64 -5.51
C GLU A 107 17.73 -12.83 -5.57
N ASP A 108 17.52 -11.98 -6.57
CA ASP A 108 16.31 -11.20 -6.70
C ASP A 108 15.20 -11.92 -7.46
N SER A 109 15.46 -13.14 -7.93
CA SER A 109 14.47 -13.88 -8.71
C SER A 109 13.29 -14.24 -7.82
N ALA A 110 12.07 -13.82 -8.20
CA ALA A 110 10.93 -14.04 -7.31
C ALA A 110 9.61 -13.55 -7.89
N VAL A 111 8.50 -13.72 -7.15
CA VAL A 111 7.21 -13.19 -7.54
C VAL A 111 6.92 -11.95 -6.70
N TYR A 112 6.57 -10.85 -7.36
CA TYR A 112 6.34 -9.57 -6.70
C TYR A 112 4.86 -9.23 -6.77
N TYR A 113 4.25 -8.94 -5.61
CA TYR A 113 2.85 -8.62 -5.45
C TYR A 113 2.71 -7.18 -4.96
N CYS A 114 1.61 -6.54 -5.31
CA CYS A 114 1.24 -5.23 -4.77
C CYS A 114 0.02 -5.39 -3.88
N ALA A 115 0.13 -4.97 -2.62
CA ALA A 115 -0.92 -5.12 -1.63
C ALA A 115 -1.44 -3.74 -1.22
N ARG A 116 -2.77 -3.65 -1.07
CA ARG A 116 -3.44 -2.40 -0.71
C ARG A 116 -3.94 -2.49 0.72
N ARG A 117 -3.74 -1.41 1.48
CA ARG A 117 -4.08 -1.35 2.90
C ARG A 117 -4.77 -0.02 3.19
N GLY A 118 -5.45 0.04 4.35
CA GLY A 118 -5.95 1.30 4.83
C GLY A 118 -4.88 2.11 5.55
N TYR A 119 -5.15 3.41 5.70
CA TYR A 119 -4.17 4.29 6.32
C TYR A 119 -4.36 4.44 7.83
N ILE A 120 -5.41 3.85 8.41
CA ILE A 120 -5.55 3.84 9.85
C ILE A 120 -4.61 2.79 10.46
N TYR A 121 -4.25 3.01 11.71
CA TYR A 121 -3.30 2.14 12.40
C TYR A 121 -3.75 0.70 12.36
N GLY A 122 -2.82 -0.19 12.01
CA GLY A 122 -3.06 -1.63 12.07
C GLY A 122 -4.22 -2.12 11.23
N SER A 123 -4.08 -2.07 9.91
CA SER A 123 -5.09 -2.58 9.00
C SER A 123 -4.56 -3.80 8.24
N PRO A 124 -5.44 -4.64 7.71
CA PRO A 124 -5.01 -5.82 6.98
C PRO A 124 -4.90 -5.59 5.47
N PHE A 125 -3.98 -6.34 4.86
CA PHE A 125 -3.82 -6.32 3.41
C PHE A 125 -5.01 -7.05 2.78
N ASP A 126 -6.03 -6.30 2.38
CA ASP A 126 -7.26 -6.88 1.88
C ASP A 126 -7.29 -7.06 0.37
N TYR A 127 -6.20 -6.73 -0.33
CA TYR A 127 -6.13 -6.92 -1.78
C TYR A 127 -4.69 -7.17 -2.18
N TRP A 128 -4.49 -8.02 -3.18
CA TRP A 128 -3.16 -8.37 -3.65
C TRP A 128 -3.17 -8.43 -5.18
N GLY A 129 -1.98 -8.31 -5.76
CA GLY A 129 -1.81 -8.51 -7.18
C GLY A 129 -1.46 -9.95 -7.51
N GLN A 130 -1.64 -10.33 -8.78
CA GLN A 130 -1.40 -11.72 -9.17
C GLN A 130 0.05 -12.12 -8.98
N GLY A 131 0.97 -11.16 -9.04
CA GLY A 131 2.38 -11.46 -8.91
C GLY A 131 3.08 -11.43 -10.26
N THR A 132 4.27 -10.84 -10.32
CA THR A 132 5.04 -10.76 -11.56
C THR A 132 6.38 -11.45 -11.37
N LEU A 133 6.58 -12.57 -12.06
CA LEU A 133 7.82 -13.31 -11.95
C LEU A 133 8.97 -12.49 -12.52
N VAL A 134 10.05 -12.40 -11.75
CA VAL A 134 11.30 -11.77 -12.17
C VAL A 134 12.36 -12.84 -12.18
N THR A 135 12.98 -13.05 -13.34
CA THR A 135 14.03 -14.05 -13.57
C THR A 135 15.33 -13.32 -13.87
N VAL A 136 16.28 -13.40 -12.96
CA VAL A 136 17.57 -12.73 -13.11
C VAL A 136 18.62 -13.82 -13.30
N SER A 137 19.00 -14.05 -14.56
CA SER A 137 20.01 -15.05 -14.89
C SER A 137 20.70 -14.64 -16.18
N SER A 138 21.97 -15.02 -16.30
CA SER A 138 22.79 -14.72 -17.47
C SER A 138 22.67 -15.87 -18.45
N ALA A 139 21.69 -15.77 -19.36
CA ALA A 139 21.49 -16.78 -20.37
C ALA A 139 20.74 -16.15 -21.55
N SER A 140 20.83 -16.80 -22.69
CA SER A 140 20.17 -16.36 -23.91
C SER A 140 19.08 -17.35 -24.29
N THR A 141 17.96 -16.82 -24.79
CA THR A 141 16.83 -17.65 -25.18
C THR A 141 17.30 -18.80 -26.07
N LYS A 142 17.02 -20.02 -25.61
CA LYS A 142 17.47 -21.23 -26.29
C LYS A 142 16.30 -22.18 -26.47
N GLY A 143 16.40 -23.03 -27.49
CA GLY A 143 15.35 -23.96 -27.80
C GLY A 143 15.47 -25.27 -27.04
N PRO A 144 14.36 -25.98 -26.89
CA PRO A 144 14.38 -27.26 -26.16
C PRO A 144 14.93 -28.40 -27.00
N SER A 145 15.31 -29.47 -26.31
CA SER A 145 15.68 -30.73 -26.94
C SER A 145 14.73 -31.80 -26.43
N VAL A 146 14.18 -32.59 -27.35
CA VAL A 146 13.17 -33.59 -27.03
C VAL A 146 13.79 -34.97 -27.22
N PHE A 147 13.71 -35.80 -26.18
CA PHE A 147 14.18 -37.17 -26.32
C PHE A 147 13.09 -38.15 -25.89
N PRO A 148 13.05 -39.33 -26.50
CA PRO A 148 12.02 -40.31 -26.13
C PRO A 148 12.45 -41.23 -24.99
N LEU A 149 11.52 -41.46 -24.06
CA LEU A 149 11.71 -42.39 -22.96
C LEU A 149 10.98 -43.70 -23.28
N ALA A 150 11.50 -44.40 -24.28
CA ALA A 150 10.86 -45.60 -24.74
C ALA A 150 10.84 -46.65 -23.62
N PRO A 151 9.86 -47.55 -23.62
CA PRO A 151 9.75 -48.53 -22.54
C PRO A 151 10.56 -49.78 -22.79
N SER A 152 11.09 -50.33 -21.70
CA SER A 152 11.73 -51.64 -21.76
C SER A 152 10.69 -52.73 -22.00
N SER A 153 11.06 -53.74 -22.77
CA SER A 153 10.13 -54.80 -23.12
C SER A 153 9.62 -55.52 -21.87
N LYS A 154 10.52 -55.87 -20.97
CA LYS A 154 10.11 -56.55 -19.74
C LYS A 154 9.13 -55.68 -18.96
N SER A 155 9.38 -54.37 -18.91
CA SER A 155 8.46 -53.47 -18.22
C SER A 155 7.10 -53.46 -18.92
N THR A 156 7.07 -53.43 -20.25
CA THR A 156 5.81 -53.46 -20.96
C THR A 156 5.05 -54.75 -20.68
N SER A 157 5.77 -55.85 -20.45
CA SER A 157 5.12 -57.12 -20.18
C SER A 157 4.37 -57.15 -18.87
N GLY A 158 4.56 -56.15 -18.00
CA GLY A 158 4.02 -56.15 -16.66
C GLY A 158 2.57 -55.74 -16.51
N GLY A 159 1.86 -55.46 -17.60
CA GLY A 159 0.46 -55.08 -17.54
C GLY A 159 0.20 -53.59 -17.58
N THR A 160 1.20 -52.77 -17.28
CA THR A 160 1.07 -51.32 -17.36
C THR A 160 2.44 -50.76 -17.70
N ALA A 161 2.49 -49.86 -18.68
CA ALA A 161 3.73 -49.26 -19.12
C ALA A 161 3.56 -47.74 -19.20
N ALA A 162 4.69 -47.07 -19.33
CA ALA A 162 4.75 -45.62 -19.35
C ALA A 162 5.74 -45.17 -20.41
N LEU A 163 5.47 -43.99 -20.95
CA LEU A 163 6.31 -43.35 -21.96
C LEU A 163 6.54 -41.90 -21.54
N GLY A 164 7.57 -41.29 -22.10
CA GLY A 164 7.85 -39.90 -21.80
C GLY A 164 8.64 -39.27 -22.91
N CYS A 165 8.73 -37.95 -22.87
CA CYS A 165 9.70 -37.24 -23.70
C CYS A 165 10.39 -36.20 -22.83
N LEU A 166 11.67 -36.43 -22.55
CA LEU A 166 12.46 -35.55 -21.71
C LEU A 166 12.77 -34.30 -22.52
N VAL A 167 12.27 -33.16 -22.06
CA VAL A 167 12.61 -31.86 -22.62
C VAL A 167 13.81 -31.31 -21.84
N LYS A 168 14.88 -30.97 -22.56
CA LYS A 168 16.18 -30.72 -21.98
C LYS A 168 16.75 -29.42 -22.51
N ASP A 169 17.50 -28.72 -21.65
CA ASP A 169 18.36 -27.61 -22.07
C ASP A 169 17.57 -26.58 -22.88
N TYR A 170 16.60 -25.97 -22.21
CA TYR A 170 15.85 -24.86 -22.75
C TYR A 170 15.92 -23.68 -21.78
N PHE A 171 15.62 -22.50 -22.31
CA PHE A 171 15.64 -21.27 -21.52
C PHE A 171 14.95 -20.17 -22.33
N PRO A 172 14.04 -19.38 -21.74
CA PRO A 172 13.53 -19.41 -20.37
C PRO A 172 12.26 -20.24 -20.22
N GLU A 173 11.66 -20.21 -19.04
CA GLU A 173 10.38 -20.87 -18.82
C GLU A 173 9.26 -20.07 -19.48
N PRO A 174 8.08 -20.69 -19.67
CA PRO A 174 7.72 -22.07 -19.39
C PRO A 174 7.62 -22.90 -20.67
N VAL A 175 7.75 -24.22 -20.56
CA VAL A 175 7.58 -25.13 -21.69
C VAL A 175 6.36 -26.00 -21.41
N THR A 176 5.41 -25.99 -22.34
CA THR A 176 4.22 -26.81 -22.23
C THR A 176 4.35 -28.03 -23.13
N VAL A 177 4.07 -29.19 -22.53
CA VAL A 177 4.11 -30.48 -23.19
C VAL A 177 2.68 -30.99 -23.26
N SER A 178 2.22 -31.33 -24.47
CA SER A 178 0.90 -31.92 -24.63
C SER A 178 1.00 -33.16 -25.50
N TRP A 179 0.43 -34.28 -25.04
CA TRP A 179 0.52 -35.53 -25.76
C TRP A 179 -0.61 -35.61 -26.78
N ASN A 180 -0.25 -35.90 -28.03
CA ASN A 180 -1.23 -36.02 -29.12
C ASN A 180 -2.08 -34.75 -29.22
N SER A 181 -1.44 -33.59 -29.11
CA SER A 181 -2.15 -32.32 -29.13
C SER A 181 -3.17 -32.24 -27.99
N GLY A 182 -2.81 -32.79 -26.84
CA GLY A 182 -3.65 -32.74 -25.67
C GLY A 182 -4.72 -33.80 -25.59
N ALA A 183 -4.73 -34.77 -26.51
CA ALA A 183 -5.75 -35.82 -26.47
C ALA A 183 -5.63 -36.64 -25.19
N LEU A 184 -4.42 -37.00 -24.80
CA LEU A 184 -4.18 -37.76 -23.57
C LEU A 184 -3.94 -36.78 -22.43
N THR A 185 -4.85 -36.78 -21.45
CA THR A 185 -4.72 -35.95 -20.26
C THR A 185 -4.70 -36.77 -18.98
N SER A 186 -5.52 -37.80 -18.87
CA SER A 186 -5.49 -38.67 -17.70
C SER A 186 -4.19 -39.48 -17.69
N GLY A 187 -3.62 -39.63 -16.50
CA GLY A 187 -2.39 -40.38 -16.39
C GLY A 187 -1.16 -39.66 -16.91
N VAL A 188 -1.20 -38.33 -17.00
CA VAL A 188 -0.06 -37.52 -17.43
C VAL A 188 0.45 -36.75 -16.23
N HIS A 189 1.75 -36.87 -15.95
CA HIS A 189 2.38 -36.24 -14.79
C HIS A 189 3.54 -35.37 -15.28
N THR A 190 3.25 -34.12 -15.63
CA THR A 190 4.27 -33.18 -16.07
C THR A 190 4.89 -32.52 -14.84
N PHE A 191 6.11 -32.94 -14.52
CA PHE A 191 6.76 -32.46 -13.31
C PHE A 191 7.16 -31.00 -13.46
N PRO A 192 7.35 -30.28 -12.35
CA PRO A 192 7.87 -28.92 -12.43
C PRO A 192 9.29 -28.90 -12.99
N ALA A 193 9.65 -27.78 -13.59
CA ALA A 193 10.97 -27.64 -14.20
C ALA A 193 12.05 -27.58 -13.13
N VAL A 194 13.27 -27.93 -13.52
CA VAL A 194 14.44 -27.93 -12.64
C VAL A 194 15.57 -27.22 -13.35
N LEU A 195 16.25 -26.32 -12.64
CA LEU A 195 17.37 -25.57 -13.21
C LEU A 195 18.64 -26.42 -13.11
N GLN A 196 19.16 -26.82 -14.26
CA GLN A 196 20.39 -27.60 -14.30
C GLN A 196 21.58 -26.73 -13.86
N SER A 197 22.63 -27.39 -13.41
CA SER A 197 23.81 -26.68 -12.91
C SER A 197 24.39 -25.74 -13.96
N SER A 198 24.17 -26.02 -15.23
CA SER A 198 24.63 -25.14 -16.31
C SER A 198 23.69 -23.98 -16.58
N GLY A 199 22.74 -23.71 -15.68
CA GLY A 199 21.81 -22.61 -15.88
C GLY A 199 20.75 -22.85 -16.92
N LEU A 200 20.45 -24.11 -17.23
CA LEU A 200 19.45 -24.45 -18.23
C LEU A 200 18.38 -25.34 -17.61
N TYR A 201 17.16 -25.21 -18.12
CA TYR A 201 16.02 -25.91 -17.55
C TYR A 201 15.93 -27.34 -18.10
N SER A 202 15.11 -28.15 -17.45
CA SER A 202 14.92 -29.54 -17.86
C SER A 202 13.69 -30.12 -17.16
N LEU A 203 12.78 -30.73 -17.92
CA LEU A 203 11.57 -31.29 -17.32
C LEU A 203 11.07 -32.46 -18.16
N SER A 204 10.27 -33.31 -17.52
CA SER A 204 9.73 -34.50 -18.15
C SER A 204 8.22 -34.52 -17.98
N SER A 205 7.53 -35.13 -18.94
CA SER A 205 6.07 -35.26 -18.92
C SER A 205 5.73 -36.70 -19.27
N VAL A 206 5.63 -37.55 -18.25
CA VAL A 206 5.44 -38.97 -18.46
C VAL A 206 3.94 -39.29 -18.44
N VAL A 207 3.59 -40.34 -19.17
CA VAL A 207 2.23 -40.80 -19.32
C VAL A 207 2.22 -42.31 -19.18
N THR A 208 1.20 -42.85 -18.52
CA THR A 208 1.07 -44.29 -18.33
C THR A 208 -0.22 -44.77 -18.98
N VAL A 209 -0.12 -45.83 -19.78
CA VAL A 209 -1.30 -46.32 -20.48
C VAL A 209 -1.28 -47.85 -20.57
N PRO A 210 -2.40 -48.50 -20.81
CA PRO A 210 -2.41 -49.96 -20.88
C PRO A 210 -1.46 -50.46 -21.97
N SER A 211 -0.78 -51.57 -21.67
CA SER A 211 0.15 -52.13 -22.64
C SER A 211 -0.54 -52.52 -23.94
N SER A 212 -1.80 -52.96 -23.85
CA SER A 212 -2.50 -53.44 -25.03
C SER A 212 -2.53 -52.38 -26.12
N SER A 213 -2.77 -51.12 -25.73
CA SER A 213 -2.88 -50.07 -26.73
C SER A 213 -1.55 -49.80 -27.41
N LEU A 214 -0.42 -50.09 -26.74
CA LEU A 214 0.88 -49.65 -27.26
C LEU A 214 1.05 -49.96 -28.73
N GLY A 215 0.33 -50.97 -29.26
CA GLY A 215 0.31 -51.16 -30.70
C GLY A 215 -0.19 -49.93 -31.43
N THR A 216 -1.20 -49.25 -30.87
CA THR A 216 -1.64 -47.99 -31.43
C THR A 216 -0.48 -46.98 -31.41
N GLN A 217 -0.64 -45.91 -32.18
CA GLN A 217 0.40 -44.91 -32.34
C GLN A 217 -0.19 -43.54 -32.03
N THR A 218 -0.24 -43.20 -30.75
CA THR A 218 -0.69 -41.89 -30.27
C THR A 218 0.26 -41.43 -29.17
N TYR A 219 1.55 -41.52 -29.42
CA TYR A 219 2.59 -41.35 -28.40
C TYR A 219 3.66 -40.39 -28.88
N ILE A 220 3.23 -39.25 -29.40
CA ILE A 220 4.11 -38.17 -29.81
C ILE A 220 3.80 -36.98 -28.92
N CYS A 221 4.82 -36.42 -28.29
CA CYS A 221 4.56 -35.25 -27.46
C CYS A 221 4.77 -33.97 -28.27
N ASN A 222 4.15 -32.89 -27.79
CA ASN A 222 4.19 -31.57 -28.41
C ASN A 222 4.84 -30.64 -27.41
N VAL A 223 6.12 -30.37 -27.61
CA VAL A 223 6.86 -29.42 -26.79
C VAL A 223 6.77 -28.06 -27.46
N ASN A 224 6.28 -27.06 -26.72
CA ASN A 224 6.08 -25.72 -27.28
C ASN A 224 6.81 -24.70 -26.42
N HIS A 225 7.63 -23.87 -27.06
CA HIS A 225 8.35 -22.80 -26.40
C HIS A 225 8.15 -21.51 -27.18
N LYS A 226 7.67 -20.46 -26.51
CA LYS A 226 7.35 -19.21 -27.19
C LYS A 226 8.59 -18.37 -27.44
N PRO A 227 9.38 -18.04 -26.42
CA PRO A 227 10.53 -17.15 -26.67
C PRO A 227 11.47 -17.66 -27.73
N SER A 228 11.70 -18.98 -27.76
CA SER A 228 12.53 -19.59 -28.79
C SER A 228 11.76 -19.87 -30.07
N ASN A 229 10.44 -19.67 -30.07
CA ASN A 229 9.61 -19.94 -31.24
C ASN A 229 9.82 -21.37 -31.73
N THR A 230 9.89 -22.30 -30.79
CA THR A 230 10.15 -23.69 -31.11
C THR A 230 8.92 -24.54 -30.84
N LYS A 231 8.74 -25.55 -31.69
CA LYS A 231 7.60 -26.46 -31.61
C LYS A 231 8.06 -27.80 -32.14
N VAL A 232 8.22 -28.77 -31.25
CA VAL A 232 8.76 -30.07 -31.63
C VAL A 232 7.74 -31.16 -31.31
N ASP A 233 7.59 -32.09 -32.26
CA ASP A 233 6.72 -33.26 -32.10
C ASP A 233 7.61 -34.49 -32.21
N LYS A 234 8.01 -35.05 -31.07
CA LYS A 234 8.85 -36.24 -31.05
C LYS A 234 8.01 -37.46 -30.69
N ARG A 235 8.25 -38.56 -31.42
CA ARG A 235 7.53 -39.81 -31.28
C ARG A 235 8.32 -40.75 -30.39
N VAL A 236 7.69 -41.23 -29.32
CA VAL A 236 8.29 -42.26 -28.47
C VAL A 236 7.87 -43.61 -29.04
N GLU A 237 8.84 -44.42 -29.44
CA GLU A 237 8.56 -45.67 -30.13
C GLU A 237 8.32 -46.79 -29.12
N PRO A 238 7.12 -47.36 -29.05
CA PRO A 238 6.93 -48.55 -28.21
C PRO A 238 7.92 -49.64 -28.61
N LYS A 239 8.48 -50.31 -27.61
CA LYS A 239 9.47 -51.35 -27.83
C LYS A 239 10.58 -50.85 -28.75
N SER A 240 11.11 -49.67 -28.43
CA SER A 240 12.13 -49.04 -29.25
C SER A 240 13.41 -49.88 -29.23
N CYS A 241 14.42 -49.40 -29.94
CA CYS A 241 15.71 -50.09 -30.03
C CYS A 241 15.45 -51.43 -30.72
N ASP A 242 16.10 -52.52 -30.29
CA ASP A 242 15.87 -53.82 -30.93
C ASP A 242 14.41 -54.24 -30.79
N LYS A 243 13.84 -54.06 -29.60
CA LYS A 243 12.46 -54.44 -29.36
C LYS A 243 12.05 -54.07 -27.93
N ASP B 22 12.72 -6.04 16.20
CA ASP B 22 11.64 -6.50 15.28
C ASP B 22 10.72 -7.48 16.00
N VAL B 23 9.44 -7.46 15.61
CA VAL B 23 8.44 -8.35 16.25
C VAL B 23 8.45 -9.65 15.46
N LEU B 24 9.39 -10.53 15.82
CA LEU B 24 9.46 -11.84 15.20
C LEU B 24 8.26 -12.68 15.62
N MET B 25 7.72 -13.43 14.67
CA MET B 25 6.52 -14.24 14.89
C MET B 25 6.86 -15.71 14.70
N THR B 26 6.21 -16.58 15.47
CA THR B 26 6.42 -18.01 15.34
C THR B 26 5.08 -18.71 15.14
N GLN B 27 5.04 -19.58 14.14
CA GLN B 27 3.85 -20.34 13.79
C GLN B 27 4.13 -21.82 13.96
N SER B 28 3.23 -22.53 14.63
CA SER B 28 3.34 -23.95 14.86
C SER B 28 2.02 -24.64 14.59
N PRO B 29 2.04 -25.90 14.14
CA PRO B 29 3.22 -26.70 13.74
C PRO B 29 3.72 -26.33 12.35
N SER B 30 4.95 -26.73 11.99
CA SER B 30 5.48 -26.39 10.68
C SER B 30 4.62 -26.97 9.57
N SER B 31 4.19 -28.23 9.71
CA SER B 31 3.32 -28.87 8.74
C SER B 31 2.54 -29.96 9.44
N LEU B 32 1.23 -29.95 9.25
CA LEU B 32 0.33 -30.91 9.89
C LEU B 32 -0.56 -31.56 8.85
N SER B 33 -0.94 -32.80 9.13
CA SER B 33 -1.80 -33.58 8.24
C SER B 33 -2.98 -34.11 9.04
N ALA B 34 -4.17 -34.05 8.42
CA ALA B 34 -5.39 -34.52 9.07
C ALA B 34 -6.35 -35.01 7.99
N SER B 35 -7.30 -35.83 8.41
CA SER B 35 -8.26 -36.41 7.49
C SER B 35 -9.32 -35.37 7.13
N VAL B 36 -10.36 -35.79 6.44
CA VAL B 36 -11.46 -34.90 6.05
C VAL B 36 -12.55 -34.99 7.10
N GLY B 37 -12.99 -33.83 7.59
CA GLY B 37 -14.03 -33.75 8.58
C GLY B 37 -13.55 -33.56 10.01
N ASP B 38 -12.24 -33.44 10.22
CA ASP B 38 -11.70 -33.22 11.55
C ASP B 38 -11.59 -31.73 11.82
N ARG B 39 -11.05 -31.39 12.99
CA ARG B 39 -10.78 -30.01 13.37
C ARG B 39 -9.26 -29.83 13.49
N VAL B 40 -8.75 -28.73 12.95
CA VAL B 40 -7.32 -28.45 12.95
C VAL B 40 -7.08 -27.10 13.61
N THR B 41 -6.09 -27.07 14.51
CA THR B 41 -5.72 -25.88 15.25
C THR B 41 -4.33 -25.44 14.82
N ILE B 42 -4.19 -24.14 14.54
CA ILE B 42 -2.92 -23.53 14.13
C ILE B 42 -2.60 -22.44 15.15
N SER B 43 -1.40 -22.50 15.72
CA SER B 43 -1.00 -21.59 16.78
C SER B 43 0.01 -20.59 16.24
N CYS B 44 -0.21 -19.30 16.53
CA CYS B 44 0.76 -18.27 16.22
C CYS B 44 1.05 -17.48 17.50
N ARG B 45 2.28 -16.99 17.60
CA ARG B 45 2.69 -16.30 18.80
C ARG B 45 3.67 -15.20 18.45
N ALA B 46 3.44 -14.02 19.01
CA ALA B 46 4.27 -12.85 18.77
C ALA B 46 5.34 -12.73 19.85
N SER B 47 6.52 -12.25 19.45
CA SER B 47 7.62 -12.14 20.40
C SER B 47 7.27 -11.23 21.57
N GLN B 48 6.42 -10.23 21.35
CA GLN B 48 5.99 -9.32 22.40
C GLN B 48 4.49 -9.05 22.22
N SER B 49 3.88 -8.49 23.26
CA SER B 49 2.45 -8.21 23.21
C SER B 49 2.13 -7.30 22.03
N ILE B 50 1.08 -7.67 21.29
CA ILE B 50 0.67 -6.92 20.10
C ILE B 50 -0.82 -6.59 20.18
N SER B 51 -1.38 -6.66 21.38
CA SER B 51 -2.79 -6.32 21.61
C SER B 51 -3.63 -7.23 20.71
N SER B 52 -4.52 -6.69 19.89
CA SER B 52 -5.42 -7.47 19.05
C SER B 52 -5.23 -7.14 17.59
N PHE B 53 -3.99 -7.01 17.15
CA PHE B 53 -3.65 -6.72 15.75
C PHE B 53 -2.97 -7.94 15.16
N LEU B 54 -3.78 -8.90 14.71
CA LEU B 54 -3.27 -10.07 14.03
C LEU B 54 -4.22 -10.43 12.91
N ASN B 55 -3.67 -10.97 11.82
CA ASN B 55 -4.48 -11.39 10.70
C ASN B 55 -3.93 -12.69 10.13
N TRP B 56 -4.84 -13.52 9.65
CA TRP B 56 -4.52 -14.82 9.08
C TRP B 56 -4.82 -14.81 7.59
N TYR B 57 -3.81 -15.20 6.79
CA TYR B 57 -3.86 -15.27 5.35
C TYR B 57 -3.72 -16.72 4.91
N GLN B 58 -4.45 -17.09 3.85
CA GLN B 58 -4.35 -18.41 3.23
C GLN B 58 -3.87 -18.26 1.80
N GLN B 59 -2.82 -18.99 1.42
CA GLN B 59 -2.28 -18.96 0.07
C GLN B 59 -2.24 -20.39 -0.46
N LYS B 60 -2.98 -20.63 -1.54
CA LYS B 60 -2.87 -21.86 -2.29
C LYS B 60 -1.65 -21.81 -3.21
N PRO B 61 -1.16 -22.96 -3.67
CA PRO B 61 0.03 -22.95 -4.54
C PRO B 61 -0.19 -22.12 -5.79
N GLY B 62 0.81 -21.32 -6.13
CA GLY B 62 0.76 -20.50 -7.33
C GLY B 62 -0.40 -19.54 -7.37
N LYS B 63 -0.64 -18.83 -6.27
CA LYS B 63 -1.75 -17.88 -6.20
C LYS B 63 -1.42 -16.82 -5.16
N ALA B 64 -2.08 -15.67 -5.29
CA ALA B 64 -1.86 -14.59 -4.34
C ALA B 64 -2.46 -14.95 -2.99
N PRO B 65 -1.81 -14.56 -1.88
CA PRO B 65 -2.40 -14.84 -0.56
C PRO B 65 -3.75 -14.17 -0.40
N LYS B 66 -4.62 -14.80 0.40
CA LYS B 66 -5.97 -14.34 0.65
C LYS B 66 -6.16 -14.13 2.13
N LEU B 67 -6.73 -12.99 2.50
CA LEU B 67 -6.97 -12.68 3.91
C LEU B 67 -8.14 -13.51 4.44
N LEU B 68 -7.93 -14.11 5.61
CA LEU B 68 -8.96 -14.89 6.28
C LEU B 68 -9.48 -14.23 7.54
N ILE B 69 -8.60 -13.88 8.47
CA ILE B 69 -9.01 -13.37 9.78
C ILE B 69 -8.35 -12.01 10.02
N SER B 70 -9.12 -11.10 10.62
CA SER B 70 -8.65 -9.76 10.95
C SER B 70 -8.96 -9.49 12.42
N ALA B 71 -8.23 -8.53 13.00
CA ALA B 71 -8.36 -8.16 14.40
C ALA B 71 -8.10 -9.33 15.34
N ALA B 72 -7.54 -10.41 14.82
CA ALA B 72 -7.18 -11.59 15.60
C ALA B 72 -8.41 -12.40 16.02
N SER B 73 -9.61 -11.90 15.69
CA SER B 73 -10.83 -12.64 15.98
C SER B 73 -12.00 -12.29 15.06
N SER B 74 -11.81 -11.42 14.08
CA SER B 74 -12.87 -11.00 13.17
C SER B 74 -12.83 -11.83 11.90
N LEU B 75 -14.01 -12.10 11.35
CA LEU B 75 -14.16 -12.90 10.15
C LEU B 75 -14.48 -11.99 8.98
N SER B 76 -13.70 -12.12 7.90
CA SER B 76 -13.89 -11.29 6.73
C SER B 76 -15.15 -11.69 5.98
N SER B 77 -15.58 -10.82 5.06
CA SER B 77 -16.78 -11.08 4.29
C SER B 77 -16.50 -12.16 3.24
N GLY B 78 -17.40 -13.14 3.16
CA GLY B 78 -17.30 -14.20 2.18
C GLY B 78 -16.50 -15.41 2.64
N VAL B 79 -15.71 -15.26 3.70
CA VAL B 79 -14.94 -16.40 4.20
C VAL B 79 -15.89 -17.45 4.77
N PRO B 80 -15.67 -18.74 4.55
CA PRO B 80 -16.53 -19.74 5.18
C PRO B 80 -16.46 -19.65 6.70
N SER B 81 -17.60 -19.92 7.34
CA SER B 81 -17.71 -19.76 8.79
C SER B 81 -16.88 -20.78 9.56
N ARG B 82 -16.36 -21.82 8.90
CA ARG B 82 -15.62 -22.86 9.62
C ARG B 82 -14.29 -22.37 10.17
N PHE B 83 -13.82 -21.20 9.75
CA PHE B 83 -12.61 -20.60 10.33
C PHE B 83 -13.00 -19.75 11.53
N SER B 84 -12.32 -19.97 12.65
CA SER B 84 -12.53 -19.17 13.85
C SER B 84 -11.17 -18.76 14.42
N GLY B 85 -11.11 -17.54 14.93
CA GLY B 85 -9.88 -17.03 15.49
C GLY B 85 -10.08 -16.53 16.90
N SER B 86 -9.02 -16.62 17.70
CA SER B 86 -9.10 -16.18 19.08
C SER B 86 -7.70 -15.90 19.59
N GLY B 87 -7.64 -15.21 20.73
CA GLY B 87 -6.39 -14.94 21.41
C GLY B 87 -6.21 -13.47 21.67
N SER B 88 -5.07 -13.16 22.29
CA SER B 88 -4.69 -11.79 22.61
C SER B 88 -3.26 -11.81 23.12
N GLY B 89 -2.76 -10.63 23.48
CA GLY B 89 -1.42 -10.50 24.02
C GLY B 89 -0.38 -11.19 23.17
N THR B 90 0.20 -12.27 23.68
CA THR B 90 1.21 -13.04 22.97
C THR B 90 0.76 -14.48 22.78
N SER B 91 -0.48 -14.67 22.36
CA SER B 91 -1.02 -16.01 22.12
C SER B 91 -2.20 -15.87 21.19
N PHE B 92 -2.10 -16.41 19.97
CA PHE B 92 -3.18 -16.36 19.03
C PHE B 92 -3.36 -17.74 18.41
N THR B 93 -4.59 -18.04 18.02
CA THR B 93 -4.91 -19.34 17.48
C THR B 93 -6.00 -19.19 16.43
N LEU B 94 -5.91 -20.03 15.39
CA LEU B 94 -6.91 -20.14 14.35
C LEU B 94 -7.31 -21.60 14.30
N THR B 95 -8.57 -21.86 13.94
CA THR B 95 -9.05 -23.23 13.92
C THR B 95 -10.06 -23.40 12.79
N ILE B 96 -9.96 -24.54 12.12
CA ILE B 96 -10.98 -24.99 11.18
C ILE B 96 -11.71 -26.16 11.81
N SER B 97 -13.02 -26.00 12.03
CA SER B 97 -13.80 -27.03 12.72
C SER B 97 -13.91 -28.29 11.87
N SER B 98 -14.32 -28.13 10.62
CA SER B 98 -14.58 -29.27 9.72
C SER B 98 -13.70 -29.08 8.48
N LEU B 99 -12.54 -29.72 8.47
CA LEU B 99 -11.63 -29.59 7.34
C LEU B 99 -12.29 -30.08 6.07
N GLN B 100 -12.07 -29.34 4.98
CA GLN B 100 -12.66 -29.61 3.69
C GLN B 100 -11.58 -29.97 2.68
N PRO B 101 -11.95 -30.56 1.54
CA PRO B 101 -10.93 -30.89 0.52
C PRO B 101 -10.16 -29.67 0.03
N GLU B 102 -10.81 -28.51 -0.08
CA GLU B 102 -10.19 -27.32 -0.64
C GLU B 102 -9.49 -26.46 0.40
N ASP B 103 -9.49 -26.87 1.67
CA ASP B 103 -8.79 -26.13 2.72
C ASP B 103 -7.30 -26.44 2.75
N VAL B 104 -6.78 -27.19 1.78
CA VAL B 104 -5.37 -27.53 1.74
C VAL B 104 -4.61 -26.34 1.15
N ALA B 105 -3.73 -25.75 1.94
CA ALA B 105 -2.96 -24.58 1.50
C ALA B 105 -1.91 -24.29 2.55
N THR B 106 -1.26 -23.13 2.44
CA THR B 106 -0.35 -22.62 3.45
C THR B 106 -0.99 -21.44 4.17
N TYR B 107 -0.82 -21.38 5.48
CA TYR B 107 -1.44 -20.37 6.32
C TYR B 107 -0.38 -19.54 7.03
N TYR B 108 -0.53 -18.21 6.96
CA TYR B 108 0.40 -17.25 7.51
C TYR B 108 -0.30 -16.35 8.53
N CYS B 109 0.41 -16.00 9.60
CA CYS B 109 -0.06 -15.03 10.57
C CYS B 109 0.80 -13.77 10.48
N GLN B 110 0.14 -12.61 10.38
CA GLN B 110 0.79 -11.32 10.20
C GLN B 110 0.36 -10.37 11.31
N GLN B 111 1.33 -9.61 11.83
CA GLN B 111 1.10 -8.62 12.87
C GLN B 111 1.20 -7.23 12.29
N SER B 112 0.19 -6.40 12.57
CA SER B 112 0.14 -5.02 12.11
C SER B 112 0.22 -4.04 13.29
N TYR B 113 1.08 -4.34 14.26
CA TYR B 113 1.25 -3.51 15.44
C TYR B 113 2.43 -2.55 15.34
N SER B 114 3.41 -2.86 14.50
CA SER B 114 4.56 -1.99 14.27
C SER B 114 4.62 -1.63 12.80
N PHE B 115 5.26 -0.49 12.51
CA PHE B 115 5.29 0.01 11.14
C PHE B 115 6.01 -0.95 10.20
N LEU B 116 6.86 -1.82 10.72
CA LEU B 116 7.59 -2.81 9.91
C LEU B 116 6.79 -4.11 9.93
N LEU B 117 5.97 -4.31 8.91
CA LEU B 117 5.12 -5.49 8.86
C LEU B 117 5.96 -6.76 8.79
N THR B 118 5.49 -7.80 9.46
CA THR B 118 6.16 -9.10 9.44
C THR B 118 5.11 -10.19 9.26
N PHE B 119 5.56 -11.32 8.73
CA PHE B 119 4.70 -12.46 8.45
C PHE B 119 5.20 -13.68 9.21
N GLY B 120 4.30 -14.64 9.40
CA GLY B 120 4.66 -15.89 10.03
C GLY B 120 5.43 -16.80 9.10
N GLY B 121 5.88 -17.92 9.66
CA GLY B 121 6.66 -18.87 8.90
C GLY B 121 5.86 -19.75 7.95
N GLY B 122 4.53 -19.66 8.01
CA GLY B 122 3.68 -20.46 7.14
C GLY B 122 3.53 -21.89 7.63
N THR B 123 2.31 -22.43 7.56
CA THR B 123 2.07 -23.83 7.89
C THR B 123 1.32 -24.50 6.74
N ASN B 124 1.75 -25.71 6.41
CA ASN B 124 1.22 -26.46 5.27
C ASN B 124 0.19 -27.44 5.80
N VAL B 125 -1.00 -27.47 5.20
CA VAL B 125 -2.00 -28.46 5.57
C VAL B 125 -2.05 -29.55 4.50
N GLU B 126 -2.55 -30.72 4.88
CA GLU B 126 -2.58 -31.89 4.01
C GLU B 126 -3.91 -32.61 4.20
N ILE B 127 -4.05 -33.77 3.56
CA ILE B 127 -5.20 -34.65 3.70
C ILE B 127 -4.68 -36.07 3.88
N LYS B 128 -5.28 -36.80 4.82
CA LYS B 128 -4.86 -38.14 5.14
C LYS B 128 -5.68 -39.18 4.37
N ARG B 129 -5.09 -40.35 4.19
CA ARG B 129 -5.74 -41.48 3.53
C ARG B 129 -4.85 -42.71 3.68
N THR B 130 -5.35 -43.84 3.22
CA THR B 130 -4.63 -45.10 3.36
C THR B 130 -3.35 -45.09 2.54
N VAL B 131 -2.29 -45.67 3.10
CA VAL B 131 -1.01 -45.72 2.41
C VAL B 131 -1.13 -46.54 1.14
N ALA B 132 -0.47 -46.08 0.08
CA ALA B 132 -0.49 -46.74 -1.22
C ALA B 132 0.93 -47.09 -1.64
N ALA B 133 1.11 -48.28 -2.20
CA ALA B 133 2.42 -48.72 -2.62
C ALA B 133 2.86 -47.98 -3.89
N PRO B 134 4.15 -47.68 -4.02
CA PRO B 134 4.64 -47.01 -5.23
C PRO B 134 4.99 -48.00 -6.33
N SER B 135 4.80 -47.53 -7.57
CA SER B 135 5.17 -48.27 -8.76
C SER B 135 6.40 -47.63 -9.37
N VAL B 136 7.41 -48.45 -9.66
CA VAL B 136 8.73 -48.00 -10.11
C VAL B 136 8.90 -48.36 -11.57
N PHE B 137 9.41 -47.41 -12.36
CA PHE B 137 9.78 -47.66 -13.74
C PHE B 137 11.14 -47.03 -14.03
N ILE B 138 11.88 -47.63 -14.97
CA ILE B 138 13.21 -47.15 -15.36
C ILE B 138 13.24 -47.03 -16.87
N PHE B 139 13.79 -45.91 -17.37
CA PHE B 139 13.84 -45.65 -18.80
C PHE B 139 15.28 -45.55 -19.28
N PRO B 140 15.71 -46.34 -20.25
CA PRO B 140 17.09 -46.22 -20.75
C PRO B 140 17.23 -44.98 -21.61
N PRO B 141 18.45 -44.45 -21.76
CA PRO B 141 18.64 -43.28 -22.64
C PRO B 141 18.52 -43.67 -24.10
N SER B 142 17.89 -42.78 -24.88
CA SER B 142 17.67 -43.04 -26.29
C SER B 142 18.97 -42.83 -27.08
N ASP B 143 18.97 -43.33 -28.31
CA ASP B 143 20.16 -43.21 -29.16
C ASP B 143 20.42 -41.75 -29.53
N GLU B 144 19.37 -40.97 -29.76
CA GLU B 144 19.54 -39.58 -30.18
C GLU B 144 20.38 -38.81 -29.17
N GLN B 145 20.02 -38.91 -27.89
CA GLN B 145 20.80 -38.23 -26.86
C GLN B 145 22.17 -38.84 -26.67
N LEU B 146 22.35 -40.10 -27.05
CA LEU B 146 23.60 -40.80 -26.73
C LEU B 146 24.79 -40.13 -27.41
N LYS B 147 24.66 -39.78 -28.69
CA LYS B 147 25.77 -39.24 -29.45
C LYS B 147 25.98 -37.74 -29.25
N SER B 148 25.19 -37.10 -28.38
CA SER B 148 25.33 -35.69 -28.08
C SER B 148 26.22 -35.42 -26.88
N GLY B 149 26.87 -36.45 -26.34
CA GLY B 149 27.73 -36.30 -25.18
C GLY B 149 27.03 -36.34 -23.85
N THR B 150 25.72 -36.54 -23.82
CA THR B 150 24.94 -36.58 -22.58
C THR B 150 24.06 -37.81 -22.58
N ALA B 151 23.78 -38.33 -21.38
CA ALA B 151 22.93 -39.49 -21.20
C ALA B 151 22.08 -39.27 -19.95
N SER B 152 20.77 -39.42 -20.10
CA SER B 152 19.82 -39.19 -19.01
C SER B 152 19.04 -40.47 -18.76
N VAL B 153 19.07 -40.93 -17.51
CA VAL B 153 18.31 -42.10 -17.08
C VAL B 153 17.28 -41.63 -16.08
N VAL B 154 16.02 -42.01 -16.30
CA VAL B 154 14.89 -41.52 -15.52
C VAL B 154 14.26 -42.69 -14.78
N CYS B 155 14.11 -42.56 -13.46
CA CYS B 155 13.35 -43.51 -12.67
C CYS B 155 12.10 -42.81 -12.14
N LEU B 156 10.95 -43.41 -12.41
CA LEU B 156 9.65 -42.82 -12.13
C LEU B 156 8.95 -43.60 -11.03
N LEU B 157 8.39 -42.87 -10.07
CA LEU B 157 7.54 -43.43 -9.02
C LEU B 157 6.14 -42.87 -9.22
N ASN B 158 5.16 -43.76 -9.39
CA ASN B 158 3.82 -43.36 -9.82
C ASN B 158 2.79 -43.63 -8.72
N ASN B 159 2.05 -42.58 -8.35
CA ASN B 159 0.83 -42.68 -7.55
C ASN B 159 1.08 -43.44 -6.25
N PHE B 160 1.85 -42.82 -5.37
CA PHE B 160 2.14 -43.36 -4.05
C PHE B 160 1.72 -42.40 -2.96
N TYR B 161 1.76 -42.89 -1.72
CA TYR B 161 1.40 -42.13 -0.53
C TYR B 161 1.85 -42.92 0.70
N PRO B 162 2.41 -42.27 1.73
CA PRO B 162 2.65 -40.82 1.91
C PRO B 162 3.84 -40.30 1.12
N ARG B 163 4.08 -38.98 1.20
CA ARG B 163 5.10 -38.35 0.37
C ARG B 163 6.48 -38.89 0.67
N GLU B 164 6.80 -39.12 1.94
CA GLU B 164 8.15 -39.52 2.33
C GLU B 164 8.56 -40.80 1.62
N ALA B 165 9.55 -40.69 0.73
CA ALA B 165 10.04 -41.83 -0.03
C ALA B 165 11.48 -41.55 -0.43
N LYS B 166 12.32 -42.58 -0.38
CA LYS B 166 13.75 -42.43 -0.67
C LYS B 166 14.11 -43.20 -1.93
N VAL B 167 14.79 -42.54 -2.86
CA VAL B 167 15.22 -43.12 -4.12
C VAL B 167 16.73 -43.02 -4.22
N GLN B 168 17.39 -44.13 -4.53
CA GLN B 168 18.84 -44.19 -4.66
C GLN B 168 19.19 -44.81 -6.01
N TRP B 169 20.22 -44.26 -6.65
CA TRP B 169 20.67 -44.74 -7.95
C TRP B 169 21.93 -45.57 -7.80
N LYS B 170 21.91 -46.78 -8.36
CA LYS B 170 23.05 -47.69 -8.28
C LYS B 170 23.48 -48.07 -9.69
N VAL B 171 24.74 -47.78 -10.02
CA VAL B 171 25.35 -48.19 -11.28
C VAL B 171 26.47 -49.16 -10.95
N ASP B 172 26.37 -50.38 -11.47
CA ASP B 172 27.29 -51.45 -11.11
C ASP B 172 27.43 -51.52 -9.60
N ASN B 173 26.29 -51.82 -8.95
CA ASN B 173 26.15 -51.94 -7.50
C ASN B 173 27.04 -50.93 -6.78
N ALA B 174 27.07 -49.70 -7.26
CA ALA B 174 27.82 -48.61 -6.64
C ALA B 174 26.88 -47.43 -6.43
N LEU B 175 26.90 -46.88 -5.22
CA LEU B 175 26.02 -45.76 -4.89
C LEU B 175 26.58 -44.46 -5.43
N GLN B 176 25.73 -43.67 -6.07
CA GLN B 176 26.10 -42.36 -6.59
C GLN B 176 25.73 -41.28 -5.59
N SER B 177 26.48 -40.17 -5.64
CA SER B 177 26.26 -39.05 -4.74
C SER B 177 26.40 -37.75 -5.50
N GLY B 178 25.43 -36.85 -5.30
CA GLY B 178 25.50 -35.53 -5.92
C GLY B 178 25.53 -35.56 -7.43
N ASN B 179 24.72 -36.42 -8.05
CA ASN B 179 24.68 -36.52 -9.50
C ASN B 179 23.27 -36.67 -10.06
N SER B 180 22.23 -36.63 -9.23
CA SER B 180 20.86 -36.82 -9.67
C SER B 180 19.98 -35.74 -9.09
N GLN B 181 18.89 -35.44 -9.78
CA GLN B 181 17.93 -34.45 -9.31
C GLN B 181 16.52 -35.03 -9.35
N GLU B 182 15.73 -34.71 -8.33
CA GLU B 182 14.41 -35.26 -8.15
C GLU B 182 13.35 -34.17 -8.28
N SER B 183 12.20 -34.55 -8.84
CA SER B 183 11.05 -33.65 -8.93
C SER B 183 9.80 -34.37 -8.47
N VAL B 184 9.02 -33.69 -7.63
CA VAL B 184 7.80 -34.23 -7.04
C VAL B 184 6.62 -33.37 -7.49
N THR B 185 5.59 -34.02 -8.02
CA THR B 185 4.38 -33.31 -8.36
C THR B 185 3.57 -33.01 -7.10
N GLU B 186 2.65 -32.06 -7.21
CA GLU B 186 1.80 -31.71 -6.09
C GLU B 186 0.79 -32.83 -5.81
N GLN B 187 0.22 -32.79 -4.61
CA GLN B 187 -0.75 -33.81 -4.21
C GLN B 187 -1.91 -33.84 -5.19
N ASP B 188 -2.29 -35.04 -5.61
CA ASP B 188 -3.42 -35.19 -6.53
C ASP B 188 -4.72 -34.83 -5.81
N SER B 189 -5.53 -33.98 -6.44
CA SER B 189 -6.75 -33.52 -5.82
C SER B 189 -7.84 -34.60 -5.80
N LYS B 190 -7.77 -35.58 -6.69
CA LYS B 190 -8.78 -36.63 -6.76
C LYS B 190 -8.33 -37.93 -6.11
N ASP B 191 -7.03 -38.19 -6.05
CA ASP B 191 -6.49 -39.40 -5.45
C ASP B 191 -5.67 -39.15 -4.20
N SER B 192 -5.26 -37.90 -3.95
CA SER B 192 -4.44 -37.55 -2.80
C SER B 192 -3.17 -38.41 -2.76
N THR B 193 -2.59 -38.64 -3.93
CA THR B 193 -1.36 -39.40 -4.07
C THR B 193 -0.34 -38.56 -4.83
N TYR B 194 0.93 -38.85 -4.59
CA TYR B 194 2.03 -38.09 -5.14
C TYR B 194 2.73 -38.90 -6.23
N SER B 195 3.69 -38.26 -6.88
CA SER B 195 4.54 -38.91 -7.86
C SER B 195 5.93 -38.31 -7.75
N LEU B 196 6.93 -39.04 -8.24
CA LEU B 196 8.29 -38.56 -8.15
C LEU B 196 9.06 -39.02 -9.38
N SER B 197 10.11 -38.27 -9.71
CA SER B 197 11.00 -38.67 -10.80
C SER B 197 12.43 -38.31 -10.40
N SER B 198 13.29 -39.31 -10.32
CA SER B 198 14.71 -39.10 -10.06
C SER B 198 15.46 -39.28 -11.38
N THR B 199 16.16 -38.23 -11.80
CA THR B 199 16.90 -38.23 -13.06
C THR B 199 18.39 -38.21 -12.78
N LEU B 200 19.11 -39.13 -13.43
CA LEU B 200 20.56 -39.26 -13.35
C LEU B 200 21.15 -38.85 -14.69
N THR B 201 22.11 -37.92 -14.66
CA THR B 201 22.74 -37.38 -15.86
C THR B 201 24.22 -37.74 -15.83
N LEU B 202 24.70 -38.38 -16.90
CA LEU B 202 26.10 -38.73 -17.04
C LEU B 202 26.55 -38.43 -18.46
N SER B 203 27.76 -37.90 -18.61
CA SER B 203 28.29 -37.68 -19.93
C SER B 203 28.49 -39.03 -20.64
N LYS B 204 28.77 -38.94 -21.95
CA LYS B 204 29.00 -40.15 -22.73
C LYS B 204 30.19 -40.92 -22.21
N ALA B 205 31.27 -40.21 -21.88
CA ALA B 205 32.50 -40.86 -21.44
C ALA B 205 32.25 -41.70 -20.20
N ASP B 206 31.48 -41.18 -19.25
CA ASP B 206 31.13 -41.95 -18.06
C ASP B 206 30.06 -43.00 -18.34
N TYR B 207 29.20 -42.76 -19.35
CA TYR B 207 28.13 -43.70 -19.64
C TYR B 207 28.64 -44.97 -20.30
N GLU B 208 29.78 -44.92 -21.00
CA GLU B 208 30.28 -46.10 -21.71
C GLU B 208 31.18 -46.99 -20.86
N LYS B 209 31.34 -46.70 -19.57
CA LYS B 209 32.25 -47.46 -18.72
C LYS B 209 31.57 -48.55 -17.91
N HIS B 210 30.28 -48.41 -17.60
CA HIS B 210 29.56 -49.34 -16.75
C HIS B 210 28.58 -50.17 -17.57
N LYS B 211 27.97 -51.15 -16.90
CA LYS B 211 27.04 -52.06 -17.59
C LYS B 211 25.70 -52.18 -16.88
N VAL B 212 25.67 -52.02 -15.56
CA VAL B 212 24.47 -52.25 -14.76
C VAL B 212 23.96 -50.91 -14.25
N TYR B 213 22.66 -50.68 -14.42
CA TYR B 213 21.98 -49.51 -13.87
C TYR B 213 20.73 -49.97 -13.14
N ALA B 214 20.36 -49.24 -12.08
CA ALA B 214 19.16 -49.57 -11.33
C ALA B 214 18.79 -48.41 -10.41
N CYS B 215 17.49 -48.31 -10.11
CA CYS B 215 16.99 -47.39 -9.10
C CYS B 215 16.31 -48.20 -8.00
N GLU B 216 16.65 -47.88 -6.75
CA GLU B 216 16.15 -48.54 -5.56
C GLU B 216 15.25 -47.58 -4.80
N VAL B 217 14.04 -48.03 -4.47
CA VAL B 217 13.03 -47.20 -3.81
C VAL B 217 12.70 -47.81 -2.46
N THR B 218 12.70 -46.97 -1.41
CA THR B 218 12.33 -47.35 -0.07
C THR B 218 11.15 -46.47 0.35
N HIS B 219 10.06 -47.13 0.76
CA HIS B 219 8.81 -46.45 1.11
C HIS B 219 8.10 -47.24 2.20
N GLN B 220 7.19 -46.56 2.89
CA GLN B 220 6.45 -47.18 3.98
C GLN B 220 5.57 -48.32 3.47
N GLY B 221 4.94 -48.13 2.32
CA GLY B 221 4.02 -49.13 1.80
C GLY B 221 4.68 -50.35 1.20
N LEU B 222 6.01 -50.44 1.24
CA LEU B 222 6.75 -51.59 0.73
C LEU B 222 7.33 -52.37 1.90
N SER B 223 7.11 -53.69 1.90
CA SER B 223 7.68 -54.52 2.94
C SER B 223 9.20 -54.48 2.91
N SER B 224 9.79 -54.54 1.72
CA SER B 224 11.22 -54.44 1.53
C SER B 224 11.50 -53.50 0.38
N PRO B 225 12.68 -52.86 0.34
CA PRO B 225 12.97 -51.92 -0.73
C PRO B 225 12.89 -52.59 -2.10
N VAL B 226 12.34 -51.85 -3.07
CA VAL B 226 12.23 -52.34 -4.43
C VAL B 226 13.44 -51.88 -5.22
N THR B 227 13.78 -52.63 -6.27
CA THR B 227 14.91 -52.28 -7.13
C THR B 227 14.58 -52.66 -8.56
N LYS B 228 14.68 -51.70 -9.47
CA LYS B 228 14.49 -51.94 -10.89
C LYS B 228 15.80 -51.71 -11.61
N SER B 229 16.18 -52.67 -12.46
CA SER B 229 17.48 -52.64 -13.12
C SER B 229 17.32 -52.86 -14.61
N PHE B 230 18.24 -52.28 -15.39
CA PHE B 230 18.31 -52.53 -16.83
C PHE B 230 19.77 -52.62 -17.25
N ASN B 231 20.09 -53.61 -18.06
CA ASN B 231 21.46 -53.79 -18.53
C ASN B 231 21.83 -52.70 -19.52
N ARG B 232 23.09 -52.27 -19.46
CA ARG B 232 23.55 -51.23 -20.38
C ARG B 232 23.52 -51.73 -21.82
N GLY B 233 23.13 -50.84 -22.73
CA GLY B 233 23.12 -51.17 -24.14
C GLY B 233 21.86 -51.90 -24.56
N GLU B 234 21.98 -53.21 -24.77
CA GLU B 234 20.88 -54.02 -25.29
C GLU B 234 20.39 -53.46 -26.62
N CYS B 235 21.29 -52.86 -27.38
CA CYS B 235 20.93 -52.23 -28.64
C CYS B 235 22.03 -52.45 -29.68
N LEU C 51 -29.22 3.14 11.39
CA LEU C 51 -28.40 3.19 10.17
C LEU C 51 -27.06 2.50 10.41
N ILE C 52 -26.54 1.85 9.38
CA ILE C 52 -25.25 1.17 9.47
C ILE C 52 -24.15 2.21 9.52
N ASN C 53 -22.95 1.80 9.91
CA ASN C 53 -21.80 2.69 9.87
C ASN C 53 -21.61 3.23 8.46
N THR C 54 -21.24 2.34 7.54
CA THR C 54 -21.00 2.66 6.13
C THR C 54 -20.69 1.37 5.39
N ASN C 55 -20.43 1.45 4.08
CA ASN C 55 -19.86 0.35 3.33
C ASN C 55 -18.37 0.24 3.65
N GLY C 56 -18.07 0.00 4.92
CA GLY C 56 -16.72 0.07 5.43
C GLY C 56 -16.32 1.47 5.78
N SER C 57 -16.02 2.29 4.76
CA SER C 57 -15.69 3.70 4.91
C SER C 57 -14.92 3.94 6.22
N TRP C 58 -13.74 3.35 6.30
CA TRP C 58 -12.97 3.36 7.54
C TRP C 58 -12.20 4.66 7.77
N HIS C 59 -12.83 5.80 7.51
CA HIS C 59 -12.36 7.06 8.08
C HIS C 59 -13.48 8.00 8.52
N ILE C 60 -14.68 7.90 7.94
CA ILE C 60 -15.80 8.71 8.42
C ILE C 60 -16.29 8.15 9.75
N ASN C 61 -16.36 6.82 9.86
CA ASN C 61 -16.48 6.16 11.15
C ASN C 61 -15.09 6.06 11.78
N ARG C 62 -15.02 5.47 12.96
CA ARG C 62 -13.76 5.25 13.66
C ARG C 62 -13.07 6.55 14.05
N THR C 63 -13.79 7.66 14.09
CA THR C 63 -13.26 8.93 14.54
C THR C 63 -14.25 9.59 15.50
N ALA C 64 -13.71 10.40 16.41
CA ALA C 64 -14.51 11.01 17.48
C ALA C 64 -15.04 12.34 16.99
N LEU C 65 -16.26 12.33 16.46
CA LEU C 65 -16.92 13.54 15.99
C LEU C 65 -17.91 14.02 17.06
N ASN C 66 -17.37 14.59 18.13
CA ASN C 66 -18.14 15.20 19.21
C ASN C 66 -17.49 16.53 19.55
N CYS C 67 -17.89 17.58 18.84
CA CYS C 67 -17.35 18.91 19.03
C CYS C 67 -18.49 19.87 19.31
N ASN C 68 -18.40 20.58 20.43
CA ASN C 68 -19.40 21.56 20.84
C ASN C 68 -18.70 22.85 21.24
N ASP C 69 -19.18 23.98 20.74
CA ASP C 69 -18.71 25.29 21.19
C ASP C 69 -19.89 26.24 21.40
N SER C 70 -20.47 26.16 22.61
CA SER C 70 -21.44 27.16 23.03
C SER C 70 -20.76 28.49 23.30
N LEU C 71 -19.62 28.45 24.00
CA LEU C 71 -18.71 29.58 24.04
C LEU C 71 -18.15 29.79 22.64
N HIS C 72 -18.49 30.92 22.01
CA HIS C 72 -18.19 31.12 20.60
C HIS C 72 -16.72 31.53 20.42
N THR C 73 -15.85 30.53 20.62
CA THR C 73 -14.42 30.72 20.36
C THR C 73 -14.10 30.66 18.87
N GLY C 74 -15.02 30.16 18.06
CA GLY C 74 -14.80 30.10 16.63
C GLY C 74 -13.61 29.25 16.23
N PHE C 75 -13.50 28.05 16.82
CA PHE C 75 -12.42 27.14 16.47
C PHE C 75 -12.81 26.15 15.37
N LEU C 76 -14.11 25.92 15.17
CA LEU C 76 -14.56 25.18 14.00
C LEU C 76 -14.69 26.07 12.77
N ALA C 77 -14.74 27.39 12.96
CA ALA C 77 -14.78 28.31 11.84
C ALA C 77 -13.41 28.47 11.18
N ALA C 78 -12.34 28.39 11.96
CA ALA C 78 -10.99 28.52 11.45
C ALA C 78 -10.45 27.25 10.83
N LEU C 79 -11.32 26.29 10.53
CA LEU C 79 -10.91 25.10 9.80
C LEU C 79 -10.88 25.33 8.29
N PHE C 80 -11.51 26.42 7.82
CA PHE C 80 -11.47 26.79 6.41
C PHE C 80 -10.31 27.73 6.10
N TYR C 81 -10.22 28.83 6.85
CA TYR C 81 -9.18 29.84 6.64
C TYR C 81 -8.33 29.96 7.90
N THR C 82 -7.43 30.94 7.89
CA THR C 82 -6.59 31.20 9.05
C THR C 82 -6.12 32.64 8.98
N HIS C 83 -6.17 33.33 10.11
CA HIS C 83 -5.75 34.72 10.15
C HIS C 83 -4.23 34.82 10.11
N LYS C 84 -3.75 36.02 9.81
CA LYS C 84 -2.31 36.27 9.84
C LYS C 84 -1.76 35.98 11.23
N PHE C 85 -0.43 35.94 11.32
CA PHE C 85 0.20 35.72 12.61
C PHE C 85 -0.16 36.82 13.61
N ASN C 86 -0.54 38.00 13.12
CA ASN C 86 -0.93 39.11 14.00
C ASN C 86 -2.39 39.00 14.40
N ALA C 87 -3.28 38.94 13.41
CA ALA C 87 -4.71 39.02 13.69
C ALA C 87 -5.18 37.88 14.59
N SER C 88 -4.61 36.69 14.40
CA SER C 88 -5.00 35.55 15.25
C SER C 88 -4.66 35.79 16.71
N GLY C 89 -3.82 36.78 17.01
CA GLY C 89 -3.46 37.06 18.38
C GLY C 89 -2.65 35.97 19.04
N CYS C 90 -1.75 35.34 18.29
CA CYS C 90 -0.83 34.37 18.89
C CYS C 90 0.33 35.05 19.62
N PRO C 91 0.88 36.17 19.15
CA PRO C 91 2.21 36.58 19.66
C PRO C 91 2.25 36.71 21.18
N GLU C 92 1.19 37.23 21.81
CA GLU C 92 1.18 37.24 23.27
C GLU C 92 1.13 35.83 23.83
N ARG C 93 0.46 34.90 23.14
CA ARG C 93 0.49 33.51 23.56
C ARG C 93 1.88 32.92 23.46
N MET C 94 2.60 33.26 22.40
CA MET C 94 3.97 32.83 22.16
C MET C 94 4.98 33.53 23.07
N ALA C 95 4.57 34.62 23.73
CA ALA C 95 5.51 35.38 24.54
C ALA C 95 6.00 34.61 25.75
N HIS C 96 5.21 33.67 26.26
CA HIS C 96 5.51 33.04 27.53
C HIS C 96 6.53 31.90 27.44
N CYS C 97 6.90 31.46 26.24
CA CYS C 97 7.94 30.45 26.09
C CYS C 97 9.05 31.00 25.21
N ARG C 98 10.29 30.82 25.63
CA ARG C 98 11.45 31.53 25.14
C ARG C 98 12.17 30.71 24.08
N PRO C 99 13.11 31.30 23.36
CA PRO C 99 13.82 30.57 22.30
C PRO C 99 14.87 29.63 22.87
N ILE C 100 15.17 28.60 22.07
CA ILE C 100 16.02 27.50 22.52
C ILE C 100 17.45 27.90 22.80
N ASP C 101 17.83 29.15 22.53
CA ASP C 101 19.26 29.50 22.56
C ASP C 101 19.80 29.56 23.98
N GLU C 102 19.07 30.16 24.92
CA GLU C 102 19.61 30.51 26.23
C GLU C 102 19.01 29.69 27.36
N PHE C 103 18.43 28.53 27.06
CA PHE C 103 17.74 27.76 28.09
C PHE C 103 18.67 27.31 29.21
N ALA C 104 19.64 26.45 28.90
CA ALA C 104 20.53 25.89 29.91
C ALA C 104 21.53 24.97 29.19
N GLN C 105 22.48 24.46 29.96
CA GLN C 105 23.49 23.53 29.46
C GLN C 105 23.31 22.19 30.15
N GLY C 106 23.28 21.12 29.37
CA GLY C 106 23.08 19.79 29.91
C GLY C 106 24.39 19.13 30.31
N TRP C 107 24.35 18.35 31.39
CA TRP C 107 25.54 17.75 31.96
C TRP C 107 25.31 16.26 32.21
N GLY C 108 26.34 15.47 31.95
CA GLY C 108 26.37 14.09 32.36
C GLY C 108 25.43 13.18 31.59
N PRO C 109 24.78 12.22 32.27
CA PRO C 109 23.91 11.28 31.57
C PRO C 109 22.51 11.81 31.34
N ILE C 110 21.63 10.96 30.82
CA ILE C 110 20.25 11.32 30.50
C ILE C 110 19.31 10.54 31.41
N THR C 111 18.14 11.13 31.66
CA THR C 111 17.13 10.49 32.51
C THR C 111 15.76 10.59 31.86
N TYR C 112 14.73 10.23 32.61
CA TYR C 112 13.35 10.34 32.17
C TYR C 112 12.52 10.99 33.28
N ALA C 113 11.42 11.62 32.88
CA ALA C 113 10.56 12.29 33.84
C ALA C 113 9.15 12.35 33.30
N GLU C 114 8.18 12.36 34.22
CA GLU C 114 6.77 12.47 33.89
C GLU C 114 6.06 13.11 35.07
N GLY C 115 4.74 13.26 34.94
CA GLY C 115 3.96 13.99 35.91
C GLY C 115 3.93 15.48 35.69
N HIS C 116 4.54 15.98 34.63
CA HIS C 116 4.50 17.39 34.28
C HIS C 116 3.17 17.69 33.60
N GLY C 117 3.05 18.88 33.01
CA GLY C 117 1.86 19.26 32.29
C GLY C 117 1.09 20.39 32.96
N SER C 118 1.26 21.60 32.44
CA SER C 118 0.53 22.76 32.91
C SER C 118 -0.62 23.02 31.95
N ASP C 119 -1.85 23.03 32.49
CA ASP C 119 -3.03 23.19 31.65
C ASP C 119 -2.89 24.45 30.79
N GLN C 120 -2.79 24.26 29.49
CA GLN C 120 -2.62 25.35 28.54
C GLN C 120 -2.87 24.79 27.15
N ARG C 121 -2.59 25.61 26.13
CA ARG C 121 -2.60 25.15 24.75
C ARG C 121 -1.18 24.86 24.32
N PRO C 122 -0.83 23.64 23.90
CA PRO C 122 0.57 23.37 23.54
C PRO C 122 0.92 23.89 22.14
N TYR C 123 1.15 25.20 22.06
CA TYR C 123 1.55 25.85 20.82
C TYR C 123 3.02 26.24 20.84
N CYS C 124 3.86 25.48 21.55
CA CYS C 124 5.25 25.85 21.71
C CYS C 124 6.15 24.64 21.49
N TRP C 125 7.42 24.93 21.21
CA TRP C 125 8.37 23.89 20.84
C TRP C 125 8.74 23.01 22.03
N HIS C 126 8.68 23.54 23.24
CA HIS C 126 8.94 22.75 24.44
C HIS C 126 7.65 22.55 25.22
N TYR C 127 7.56 21.41 25.89
CA TYR C 127 6.38 21.03 26.66
C TYR C 127 6.70 19.68 27.30
N ALA C 128 5.85 19.27 28.23
CA ALA C 128 5.93 17.97 28.88
C ALA C 128 4.56 17.32 28.77
N PRO C 129 4.34 16.51 27.73
CA PRO C 129 2.95 16.11 27.42
C PRO C 129 2.32 15.10 28.38
N ARG C 130 2.93 14.81 29.52
CA ARG C 130 2.21 14.06 30.54
C ARG C 130 1.73 12.71 30.03
N GLN C 131 2.64 11.73 29.95
CA GLN C 131 2.48 10.52 29.15
C GLN C 131 1.04 10.02 29.05
N CYS C 132 0.66 9.61 27.85
CA CYS C 132 -0.73 9.40 27.48
C CYS C 132 -1.29 8.10 28.07
N GLY C 133 -2.61 7.97 27.94
CA GLY C 133 -3.32 6.78 28.35
C GLY C 133 -4.64 6.74 27.62
N THR C 134 -5.44 5.72 27.94
CA THR C 134 -6.74 5.55 27.31
C THR C 134 -7.64 6.74 27.59
N ILE C 135 -8.41 7.16 26.58
CA ILE C 135 -9.28 8.33 26.71
C ILE C 135 -10.66 8.02 26.15
N PRO C 136 -11.74 8.54 26.74
CA PRO C 136 -13.07 8.31 26.15
C PRO C 136 -13.20 8.98 24.79
N ALA C 137 -14.25 8.60 24.08
CA ALA C 137 -14.57 9.20 22.78
C ALA C 137 -15.54 10.36 22.89
N SER C 138 -15.92 10.76 24.10
CA SER C 138 -16.77 11.92 24.32
C SER C 138 -15.97 13.17 24.67
N GLN C 139 -14.64 13.08 24.69
CA GLN C 139 -13.77 14.19 25.02
C GLN C 139 -12.72 14.38 23.94
N VAL C 140 -13.10 14.19 22.69
CA VAL C 140 -12.17 14.31 21.56
C VAL C 140 -12.92 14.86 20.36
N CYS C 141 -12.25 15.74 19.62
CA CYS C 141 -12.79 16.32 18.40
C CYS C 141 -11.79 16.12 17.27
N GLY C 142 -12.26 15.58 16.16
CA GLY C 142 -11.42 15.38 15.00
C GLY C 142 -10.54 14.16 15.13
N PRO C 143 -9.74 13.88 14.10
CA PRO C 143 -8.87 12.71 14.13
C PRO C 143 -7.79 12.84 15.20
N VAL C 144 -7.01 11.78 15.35
CA VAL C 144 -5.94 11.71 16.33
C VAL C 144 -4.70 11.21 15.60
N TYR C 145 -3.83 12.15 15.20
CA TYR C 145 -2.64 11.82 14.43
C TYR C 145 -1.47 11.56 15.38
N CYS C 146 -0.91 10.35 15.33
CA CYS C 146 0.21 9.97 16.18
C CYS C 146 1.44 9.70 15.32
N PHE C 147 2.58 10.16 15.82
CA PHE C 147 3.75 10.40 14.99
C PHE C 147 4.77 9.29 15.17
N THR C 148 4.98 8.53 14.10
CA THR C 148 5.80 7.33 14.06
C THR C 148 7.31 7.58 14.02
N PRO C 149 7.83 8.65 13.40
CA PRO C 149 7.23 9.96 13.05
C PRO C 149 6.27 10.01 11.88
N SER C 150 6.24 9.06 10.96
CA SER C 150 5.28 9.13 9.87
C SER C 150 3.86 9.19 10.47
N PRO C 151 3.04 10.17 10.08
CA PRO C 151 1.73 10.31 10.73
C PRO C 151 0.89 9.06 10.56
N VAL C 152 0.14 8.73 11.63
CA VAL C 152 -0.74 7.57 11.66
C VAL C 152 -2.05 8.00 12.29
N VAL C 153 -3.17 7.64 11.69
CA VAL C 153 -4.48 7.98 12.24
C VAL C 153 -4.97 6.83 13.08
N VAL C 154 -5.12 7.06 14.38
CA VAL C 154 -5.63 6.06 15.33
C VAL C 154 -7.15 6.18 15.37
N GLY C 155 -7.81 5.04 15.61
CA GLY C 155 -9.25 4.97 15.62
C GLY C 155 -9.79 4.46 16.95
N THR C 156 -11.11 4.56 17.09
CA THR C 156 -11.77 4.12 18.32
C THR C 156 -11.62 2.62 18.47
N THR C 157 -11.07 2.20 19.61
CA THR C 157 -10.89 0.79 19.95
C THR C 157 -11.67 0.51 21.23
N ASP C 158 -12.67 -0.38 21.13
CA ASP C 158 -13.62 -0.58 22.22
C ASP C 158 -12.96 -1.36 23.35
N ARG C 159 -12.70 -0.67 24.45
CA ARG C 159 -12.28 -1.29 25.71
C ARG C 159 -10.87 -1.88 25.63
N PHE C 160 -10.71 -3.05 25.01
CA PHE C 160 -9.40 -3.70 24.96
C PHE C 160 -8.81 -3.68 23.56
N GLY C 161 -9.46 -4.31 22.59
CA GLY C 161 -8.91 -4.38 21.25
C GLY C 161 -9.94 -4.42 20.13
N ALA C 162 -11.19 -4.09 20.44
CA ALA C 162 -12.29 -4.29 19.50
C ALA C 162 -12.53 -3.01 18.71
N PRO C 163 -12.28 -2.99 17.39
CA PRO C 163 -12.68 -1.82 16.60
C PRO C 163 -14.18 -1.57 16.69
N THR C 164 -14.55 -0.30 16.67
CA THR C 164 -15.94 0.11 16.68
C THR C 164 -16.19 1.16 15.61
N TYR C 165 -17.42 1.21 15.13
CA TYR C 165 -17.80 2.02 13.97
C TYR C 165 -19.10 2.78 14.26
N THR C 166 -19.16 3.43 15.43
CA THR C 166 -20.35 4.17 15.86
C THR C 166 -20.11 5.67 15.87
N TRP C 167 -19.16 6.15 15.05
CA TRP C 167 -18.79 7.56 14.99
C TRP C 167 -18.25 8.06 16.33
N GLY C 168 -17.81 7.16 17.20
CA GLY C 168 -17.22 7.55 18.46
C GLY C 168 -18.18 8.05 19.51
N GLU C 169 -19.48 7.84 19.33
CA GLU C 169 -20.49 8.30 20.28
C GLU C 169 -21.22 7.08 20.84
N ASN C 170 -20.62 6.49 21.88
CA ASN C 170 -21.28 5.45 22.67
C ASN C 170 -20.50 5.33 23.98
N GLU C 171 -21.17 4.80 24.99
CA GLU C 171 -20.60 4.79 26.33
C GLU C 171 -19.23 4.12 26.35
N THR C 172 -19.06 3.05 25.58
CA THR C 172 -17.82 2.28 25.61
C THR C 172 -16.81 2.72 24.57
N ASP C 173 -17.22 3.44 23.53
CA ASP C 173 -16.29 3.90 22.51
C ASP C 173 -15.16 4.67 23.16
N VAL C 174 -13.93 4.23 22.93
CA VAL C 174 -12.77 4.76 23.63
C VAL C 174 -11.56 4.67 22.72
N LEU C 175 -10.67 5.67 22.82
CA LEU C 175 -9.42 5.71 22.07
C LEU C 175 -8.33 5.14 22.98
N ILE C 176 -7.79 3.99 22.60
CA ILE C 176 -6.74 3.32 23.36
C ILE C 176 -5.43 3.65 22.65
N LEU C 177 -4.83 4.77 23.06
CA LEU C 177 -3.52 5.18 22.56
C LEU C 177 -2.53 5.15 23.70
N ASN C 178 -1.41 4.45 23.51
CA ASN C 178 -0.42 4.25 24.55
C ASN C 178 0.97 4.53 23.99
N ASN C 179 1.57 5.61 24.47
CA ASN C 179 2.91 5.98 24.05
C ASN C 179 3.90 4.86 24.33
N THR C 180 4.76 4.58 23.36
CA THR C 180 5.85 3.62 23.50
C THR C 180 6.78 3.78 22.31
N ARG C 181 8.08 3.79 22.57
CA ARG C 181 9.04 4.10 21.52
C ARG C 181 8.87 3.13 20.36
N PRO C 182 8.75 3.63 19.13
CA PRO C 182 8.50 2.74 17.99
C PRO C 182 9.58 1.67 17.83
N PRO C 183 10.84 1.97 18.20
CA PRO C 183 11.82 0.88 18.25
C PRO C 183 11.33 -0.33 19.01
N GLN C 184 10.39 -0.15 19.94
CA GLN C 184 9.69 -1.23 20.62
C GLN C 184 8.19 -1.16 20.29
N GLY C 185 7.88 -0.80 19.05
CA GLY C 185 6.50 -0.72 18.60
C GLY C 185 5.81 0.56 19.05
N ASN C 186 4.65 0.80 18.44
CA ASN C 186 3.81 1.93 18.80
C ASN C 186 4.42 3.25 18.31
N TRP C 187 3.96 4.36 18.85
CA TRP C 187 4.31 5.70 18.39
C TRP C 187 5.01 6.47 19.51
N PHE C 188 5.44 7.69 19.18
CA PHE C 188 6.04 8.58 20.17
C PHE C 188 4.97 9.34 20.94
N GLY C 189 4.04 9.97 20.23
CA GLY C 189 2.97 10.72 20.87
C GLY C 189 2.07 11.33 19.83
N CYS C 190 1.07 12.06 20.31
CA CYS C 190 0.08 12.69 19.45
C CYS C 190 -0.77 13.72 20.16
N THR C 191 -1.52 14.45 19.33
CA THR C 191 -2.27 15.63 19.70
C THR C 191 -3.66 15.55 19.09
N TRP C 192 -4.61 16.22 19.75
CA TRP C 192 -5.98 16.29 19.28
C TRP C 192 -6.67 17.44 19.99
N MET C 193 -7.83 17.82 19.50
CA MET C 193 -8.59 18.92 20.10
C MET C 193 -9.75 18.34 20.91
N ASN C 194 -9.85 18.75 22.17
CA ASN C 194 -10.91 18.25 23.03
C ASN C 194 -12.25 18.76 22.53
N SER C 195 -13.33 18.38 23.22
CA SER C 195 -14.66 18.64 22.70
C SER C 195 -14.93 20.14 22.55
N THR C 196 -14.52 20.93 23.53
CA THR C 196 -14.89 22.34 23.55
C THR C 196 -14.01 23.21 22.66
N GLY C 197 -12.89 22.68 22.15
CA GLY C 197 -12.09 23.43 21.19
C GLY C 197 -10.73 23.87 21.69
N PHE C 198 -10.10 23.06 22.53
CA PHE C 198 -8.77 23.32 23.05
C PHE C 198 -7.81 22.22 22.61
N THR C 199 -6.61 22.59 22.21
CA THR C 199 -5.61 21.61 21.81
C THR C 199 -5.09 20.87 23.03
N LYS C 200 -4.82 19.58 22.85
CA LYS C 200 -4.26 18.72 23.87
C LYS C 200 -3.23 17.82 23.23
N THR C 201 -2.25 17.41 24.03
CA THR C 201 -1.15 16.60 23.52
C THR C 201 -0.73 15.61 24.60
N CYS C 202 -0.14 14.50 24.16
CA CYS C 202 0.31 13.47 25.07
C CYS C 202 1.25 12.54 24.31
N GLY C 203 2.38 12.22 24.93
CA GLY C 203 3.36 11.39 24.25
C GLY C 203 4.25 10.72 25.27
N GLY C 204 5.26 10.00 24.76
CA GLY C 204 6.17 9.27 25.62
C GLY C 204 6.66 10.15 26.75
N PRO C 205 7.18 9.52 27.81
CA PRO C 205 7.58 10.30 29.00
C PRO C 205 8.44 11.48 28.59
N PRO C 206 7.95 12.72 28.75
CA PRO C 206 8.70 13.87 28.24
C PRO C 206 10.15 13.87 28.67
N CYS C 207 11.03 13.73 27.69
CA CYS C 207 12.45 13.58 27.95
C CYS C 207 13.01 14.83 28.64
N ASN C 208 13.48 14.65 29.86
CA ASN C 208 14.34 15.67 30.44
C ASN C 208 15.69 15.65 29.73
N ILE C 209 16.42 16.76 29.83
CA ILE C 209 17.81 16.81 29.44
C ILE C 209 18.62 16.94 30.72
N GLY C 210 19.53 16.00 30.94
CA GLY C 210 20.37 16.03 32.13
C GLY C 210 20.99 17.40 32.30
N GLY C 211 20.53 18.13 33.28
CA GLY C 211 20.90 19.52 33.44
C GLY C 211 19.93 20.22 34.36
N VAL C 212 20.24 21.49 34.64
CA VAL C 212 19.51 22.27 35.63
C VAL C 212 19.44 23.71 35.16
N GLY C 213 18.78 24.53 35.96
CA GLY C 213 18.67 25.95 35.68
C GLY C 213 17.47 26.50 36.44
N ASN C 214 17.22 27.79 36.21
CA ASN C 214 15.98 28.38 36.70
C ASN C 214 14.78 27.94 35.88
N ASN C 215 14.99 27.57 34.62
CA ASN C 215 13.93 27.19 33.70
C ASN C 215 14.35 25.98 32.88
N THR C 216 14.88 24.96 33.54
CA THR C 216 15.36 23.76 32.85
C THR C 216 14.33 23.30 31.82
N LEU C 217 14.83 22.72 30.73
CA LEU C 217 14.00 22.32 29.61
C LEU C 217 13.61 20.87 29.76
N THR C 218 12.30 20.61 29.87
CA THR C 218 11.76 19.26 29.80
C THR C 218 11.59 18.92 28.32
N CYS C 219 12.69 18.47 27.72
CA CYS C 219 12.80 18.40 26.27
C CYS C 219 11.76 17.45 25.69
N PRO C 220 10.88 17.92 24.80
CA PRO C 220 10.02 17.01 24.05
C PRO C 220 10.54 16.59 22.69
N THR C 221 11.63 17.20 22.20
CA THR C 221 12.13 16.83 20.88
C THR C 221 13.47 17.50 20.60
N ASP C 222 14.40 16.70 20.07
CA ASP C 222 15.57 17.19 19.32
C ASP C 222 16.12 18.48 19.90
N CYS C 223 16.48 18.45 21.17
CA CYS C 223 17.19 19.55 21.82
C CYS C 223 18.68 19.32 21.61
N PHE C 224 19.17 19.72 20.45
CA PHE C 224 20.56 19.49 20.06
C PHE C 224 21.40 20.73 20.40
N ARG C 225 22.70 20.52 20.56
CA ARG C 225 23.69 21.50 20.97
C ARG C 225 23.66 21.70 22.48
N LYS C 226 22.73 21.08 23.20
CA LYS C 226 22.72 21.06 24.66
C LYS C 226 23.21 19.73 25.20
N HIS C 227 22.59 18.63 24.76
CA HIS C 227 23.04 17.28 25.06
C HIS C 227 23.09 16.54 23.74
N PRO C 228 24.26 16.12 23.25
CA PRO C 228 24.31 15.54 21.90
C PRO C 228 23.85 14.09 21.86
N GLU C 229 22.75 13.81 22.56
CA GLU C 229 22.05 12.54 22.47
C GLU C 229 20.56 12.69 22.21
N ALA C 230 19.99 13.87 22.45
CA ALA C 230 18.57 14.07 22.20
C ALA C 230 18.28 13.91 20.72
N THR C 231 17.16 13.26 20.42
CA THR C 231 16.75 13.03 19.04
C THR C 231 15.29 12.60 19.07
N TYR C 232 14.66 12.62 17.90
CA TYR C 232 13.30 12.10 17.79
C TYR C 232 13.29 10.58 17.68
N THR C 233 14.12 9.93 18.50
CA THR C 233 14.09 8.50 18.73
C THR C 233 14.32 8.13 20.18
N LYS C 234 14.81 9.05 21.01
CA LYS C 234 15.12 8.80 22.40
C LYS C 234 14.44 9.83 23.29
N CYS C 235 14.24 11.04 22.76
CA CYS C 235 13.65 12.12 23.56
C CYS C 235 12.40 12.72 22.93
N GLY C 236 12.02 12.30 21.72
CA GLY C 236 10.90 12.92 21.04
C GLY C 236 9.56 12.43 21.56
N SER C 237 8.61 13.36 21.67
CA SER C 237 7.26 13.06 22.12
C SER C 237 6.19 13.39 21.09
N GLY C 238 6.17 14.62 20.59
CA GLY C 238 5.07 15.10 19.78
C GLY C 238 5.45 15.38 18.34
N PRO C 239 4.61 16.15 17.64
CA PRO C 239 4.89 16.42 16.21
C PRO C 239 6.19 17.16 15.97
N TRP C 240 6.71 17.87 16.97
CA TRP C 240 7.86 18.74 16.76
C TRP C 240 9.09 17.88 16.52
N LEU C 241 9.46 17.73 15.24
CA LEU C 241 10.69 17.03 14.91
C LEU C 241 11.90 17.77 15.45
N THR C 242 11.93 19.08 15.30
CA THR C 242 13.05 19.92 15.65
C THR C 242 12.49 21.19 16.28
N PRO C 243 13.30 21.92 17.06
CA PRO C 243 12.74 23.08 17.79
C PRO C 243 12.04 24.11 16.91
N ARG C 244 12.12 23.99 15.59
CA ARG C 244 11.51 25.00 14.73
C ARG C 244 10.73 24.38 13.57
N CYS C 245 10.22 23.17 13.72
CA CYS C 245 9.19 22.70 12.79
C CYS C 245 8.62 21.36 13.20
N LEU C 246 7.37 21.17 12.81
CA LEU C 246 6.56 20.00 13.14
C LEU C 246 6.43 19.10 11.92
N VAL C 247 6.03 17.86 12.17
CA VAL C 247 5.68 16.96 11.07
C VAL C 247 4.47 17.53 10.36
N ASP C 248 4.56 17.64 9.03
CA ASP C 248 3.49 18.21 8.23
C ASP C 248 2.44 17.14 7.96
N TYR C 249 1.25 17.33 8.51
CA TYR C 249 0.09 16.50 8.25
C TYR C 249 -1.07 17.41 7.87
N PRO C 250 -2.13 16.87 7.28
CA PRO C 250 -3.19 17.74 6.76
C PRO C 250 -3.74 18.72 7.78
N TYR C 251 -3.84 18.34 9.06
CA TYR C 251 -4.44 19.17 10.08
C TYR C 251 -3.40 19.84 10.98
N ARG C 252 -2.22 20.12 10.44
CA ARG C 252 -1.18 20.76 11.24
C ARG C 252 -1.59 22.16 11.66
N LEU C 253 -2.07 22.96 10.70
CA LEU C 253 -2.42 24.34 11.01
C LEU C 253 -3.57 24.40 12.02
N TRP C 254 -4.57 23.54 11.86
CA TRP C 254 -5.71 23.57 12.77
C TRP C 254 -5.27 23.35 14.21
N HIS C 255 -4.39 22.37 14.43
CA HIS C 255 -3.90 22.13 15.78
C HIS C 255 -3.02 23.26 16.27
N TYR C 256 -2.25 23.87 15.35
CA TYR C 256 -1.30 24.93 15.69
C TYR C 256 -1.56 26.11 14.75
N PRO C 257 -2.56 26.95 15.06
CA PRO C 257 -3.05 27.92 14.07
C PRO C 257 -2.16 29.14 13.88
N CYS C 258 -1.04 29.25 14.58
CA CYS C 258 -0.13 30.36 14.32
C CYS C 258 1.25 29.84 13.91
N THR C 259 1.25 28.87 12.98
CA THR C 259 2.43 28.48 12.23
C THR C 259 2.20 28.68 10.73
N VAL C 260 1.30 29.61 10.38
CA VAL C 260 0.90 29.78 8.99
C VAL C 260 2.09 30.18 8.13
N ASN C 261 2.99 31.01 8.68
CA ASN C 261 4.13 31.50 7.91
C ASN C 261 5.25 30.48 7.78
N PHE C 262 4.99 29.21 8.06
CA PHE C 262 6.00 28.18 7.92
C PHE C 262 6.07 27.69 6.48
N THR C 263 7.25 27.22 6.08
CA THR C 263 7.52 26.83 4.70
C THR C 263 7.81 25.33 4.63
N ILE C 264 7.22 24.66 3.63
CA ILE C 264 7.38 23.21 3.53
C ILE C 264 8.85 22.85 3.30
N PHE C 265 9.18 21.60 3.57
CA PHE C 265 10.54 21.09 3.40
C PHE C 265 10.47 19.57 3.40
N LYS C 266 11.36 18.93 2.66
CA LYS C 266 11.41 17.48 2.57
C LYS C 266 12.60 16.96 3.37
N VAL C 267 12.35 16.06 4.32
CA VAL C 267 13.37 15.49 5.17
C VAL C 267 13.18 13.98 5.19
N ARG C 268 14.25 13.27 5.58
CA ARG C 268 14.19 11.82 5.69
C ARG C 268 15.04 11.37 6.85
N MET C 269 14.57 10.36 7.58
CA MET C 269 15.35 9.81 8.68
C MET C 269 14.97 8.36 8.91
N TYR C 270 15.89 7.61 9.50
CA TYR C 270 15.72 6.18 9.72
C TYR C 270 15.42 5.92 11.18
N VAL C 271 14.35 5.17 11.45
CA VAL C 271 13.98 4.78 12.81
C VAL C 271 13.77 3.28 12.83
N GLY C 272 14.26 2.63 13.88
CA GLY C 272 14.16 1.19 13.99
C GLY C 272 14.86 0.51 12.83
N GLY C 273 14.09 -0.13 11.96
CA GLY C 273 14.64 -0.72 10.77
C GLY C 273 13.93 -0.23 9.52
N VAL C 274 13.43 1.00 9.54
CA VAL C 274 12.73 1.56 8.39
C VAL C 274 13.21 2.97 8.13
N GLU C 275 13.09 3.37 6.87
CA GLU C 275 13.47 4.70 6.40
C GLU C 275 12.21 5.50 6.12
N HIS C 276 12.14 6.71 6.67
CA HIS C 276 10.95 7.56 6.58
C HIS C 276 11.27 8.77 5.70
N ARG C 277 10.43 8.98 4.69
CA ARG C 277 10.45 10.15 3.82
C ARG C 277 9.26 11.01 4.23
N LEU C 278 9.54 12.16 4.84
CA LEU C 278 8.48 12.95 5.48
C LEU C 278 8.67 14.42 5.09
N ASN C 279 7.59 15.18 5.25
CA ASN C 279 7.62 16.62 5.04
C ASN C 279 7.56 17.34 6.39
N ALA C 280 8.52 18.22 6.61
CA ALA C 280 8.57 19.07 7.79
C ALA C 280 8.40 20.51 7.35
N ALA C 281 7.51 21.24 8.02
CA ALA C 281 7.25 22.64 7.69
C ALA C 281 8.02 23.53 8.65
N CYS C 282 9.10 24.14 8.17
CA CYS C 282 10.00 24.94 8.99
C CYS C 282 10.01 26.38 8.53
N ASN C 283 10.26 27.26 9.49
CA ASN C 283 10.31 28.71 9.29
C ASN C 283 11.58 29.25 9.92
N ILE C 284 12.17 30.26 9.29
CA ILE C 284 13.36 30.92 9.82
C ILE C 284 14.50 29.90 9.87
N GLY C 285 14.39 28.93 10.77
CA GLY C 285 15.41 27.91 10.92
C GLY C 285 16.51 28.35 11.87
N ALA D 30 -28.79 24.22 -19.26
CA ALA D 30 -29.96 23.57 -18.68
C ALA D 30 -31.22 24.40 -18.95
N GLU D 31 -32.36 23.71 -19.05
CA GLU D 31 -33.62 24.39 -19.32
C GLU D 31 -34.06 25.17 -18.08
N VAL D 32 -35.22 25.81 -18.18
CA VAL D 32 -35.72 26.61 -17.07
C VAL D 32 -36.24 25.70 -15.98
N LYS D 33 -35.73 25.89 -14.77
CA LYS D 33 -36.23 25.18 -13.58
C LYS D 33 -37.37 26.01 -13.02
N LYS D 34 -38.61 25.62 -13.35
CA LYS D 34 -39.80 26.41 -13.09
C LYS D 34 -39.70 27.11 -11.74
N PRO D 35 -40.07 28.38 -11.64
CA PRO D 35 -39.88 29.11 -10.38
C PRO D 35 -40.39 28.33 -9.18
N GLY D 36 -39.52 28.14 -8.20
CA GLY D 36 -39.86 27.36 -7.02
C GLY D 36 -39.47 25.91 -7.17
N SER D 37 -38.22 25.65 -7.55
CA SER D 37 -37.74 24.29 -7.76
C SER D 37 -36.44 24.05 -7.01
N SER D 38 -35.81 22.91 -7.25
CA SER D 38 -34.56 22.54 -6.59
C SER D 38 -33.52 22.18 -7.65
N VAL D 39 -32.25 22.45 -7.33
CA VAL D 39 -31.14 22.21 -8.23
C VAL D 39 -29.99 21.61 -7.45
N LYS D 40 -29.29 20.66 -8.07
CA LYS D 40 -28.12 20.02 -7.50
C LYS D 40 -26.89 20.37 -8.32
N VAL D 41 -25.79 20.70 -7.63
CA VAL D 41 -24.54 21.03 -8.31
C VAL D 41 -23.54 19.93 -7.99
N SER D 42 -23.43 18.95 -8.89
CA SER D 42 -22.48 17.86 -8.72
C SER D 42 -21.08 18.40 -9.01
N CYS D 43 -20.27 18.53 -7.97
CA CYS D 43 -18.96 19.15 -8.12
C CYS D 43 -17.95 18.25 -8.83
N GLU D 44 -18.26 16.97 -9.03
CA GLU D 44 -17.31 16.00 -9.57
C GLU D 44 -15.92 16.28 -9.00
N ALA D 45 -15.88 16.55 -7.70
CA ALA D 45 -14.69 17.11 -7.06
C ALA D 45 -13.61 16.05 -6.96
N SER D 46 -12.54 16.21 -7.73
CA SER D 46 -11.38 15.33 -7.70
C SER D 46 -10.14 16.19 -7.90
N GLY D 47 -9.55 16.64 -6.80
CA GLY D 47 -8.37 17.48 -6.87
C GLY D 47 -7.43 17.19 -5.71
N GLY D 48 -6.14 17.34 -5.99
CA GLY D 48 -5.12 17.13 -4.98
C GLY D 48 -5.22 15.77 -4.32
N THR D 49 -5.35 15.77 -2.99
CA THR D 49 -5.42 14.54 -2.21
C THR D 49 -6.84 14.22 -1.74
N HIS D 50 -7.85 14.76 -2.41
CA HIS D 50 -9.24 14.41 -2.14
C HIS D 50 -9.64 14.71 -0.70
N SER D 51 -9.66 13.67 0.15
CA SER D 51 -10.30 13.79 1.46
C SER D 51 -9.77 15.00 2.23
N ASN D 52 -8.44 15.13 2.30
CA ASN D 52 -7.83 16.25 3.01
C ASN D 52 -7.71 17.48 2.11
N TYR D 53 -8.81 17.85 1.47
CA TYR D 53 -8.85 19.03 0.61
C TYR D 53 -10.24 19.63 0.71
N VAL D 54 -10.33 20.89 1.13
CA VAL D 54 -11.62 21.49 1.39
C VAL D 54 -12.33 21.78 0.07
N ILE D 55 -13.52 21.22 -0.08
CA ILE D 55 -14.39 21.55 -1.20
C ILE D 55 -14.97 22.94 -0.98
N THR D 56 -15.48 23.54 -2.04
CA THR D 56 -16.23 24.80 -1.90
C THR D 56 -17.13 24.98 -3.12
N TRP D 57 -17.81 26.12 -3.14
CA TRP D 57 -18.71 26.46 -4.24
C TRP D 57 -18.71 27.98 -4.38
N VAL D 58 -18.81 28.46 -5.61
CA VAL D 58 -18.85 29.89 -5.90
C VAL D 58 -19.88 30.13 -6.98
N ARG D 59 -20.60 31.25 -6.88
CA ARG D 59 -21.64 31.61 -7.83
C ARG D 59 -21.25 32.93 -8.49
N GLN D 60 -21.27 32.97 -9.82
CA GLN D 60 -20.94 34.16 -10.58
C GLN D 60 -22.13 34.51 -11.47
N ALA D 61 -22.75 35.65 -11.22
CA ALA D 61 -23.77 36.15 -12.12
C ALA D 61 -23.10 36.66 -13.40
N PRO D 62 -23.86 36.80 -14.49
CA PRO D 62 -23.23 37.26 -15.74
C PRO D 62 -22.65 38.66 -15.61
N GLY D 63 -21.32 38.75 -15.64
CA GLY D 63 -20.63 40.02 -15.56
C GLY D 63 -20.91 40.80 -14.30
N GLN D 64 -20.88 40.13 -13.14
CA GLN D 64 -21.11 40.78 -11.86
C GLN D 64 -20.12 40.39 -10.78
N GLY D 65 -19.14 39.55 -11.08
CA GLY D 65 -18.18 39.11 -10.08
C GLY D 65 -18.67 37.93 -9.27
N LEU D 66 -17.73 37.33 -8.55
CA LEU D 66 -18.00 36.10 -7.81
C LEU D 66 -18.72 36.40 -6.49
N GLU D 67 -19.29 35.35 -5.90
CA GLU D 67 -19.90 35.45 -4.58
C GLU D 67 -19.95 34.07 -3.94
N TRP D 68 -19.65 34.03 -2.65
CA TRP D 68 -19.53 32.78 -1.91
C TRP D 68 -20.90 32.17 -1.64
N MET D 69 -20.92 30.85 -1.48
CA MET D 69 -22.14 30.14 -1.14
C MET D 69 -21.98 29.22 0.07
N GLY D 70 -20.82 28.60 0.24
CA GLY D 70 -20.60 27.72 1.37
C GLY D 70 -19.31 26.94 1.22
N GLY D 71 -19.13 26.01 2.14
CA GLY D 71 -17.96 25.16 2.17
C GLY D 71 -18.30 23.80 2.75
N PHE D 72 -17.31 22.92 2.78
CA PHE D 72 -17.52 21.56 3.26
C PHE D 72 -16.16 20.92 3.49
N ILE D 73 -16.14 19.93 4.41
CA ILE D 73 -14.92 19.20 4.73
C ILE D 73 -15.27 17.71 4.80
N PRO D 74 -14.64 16.85 3.98
CA PRO D 74 -15.02 15.44 4.00
C PRO D 74 -14.88 14.76 5.35
N ASP D 75 -13.82 15.07 6.12
CA ASP D 75 -13.60 14.38 7.38
C ASP D 75 -14.58 14.85 8.45
N PHE D 76 -14.52 16.14 8.79
CA PHE D 76 -15.49 16.74 9.68
C PHE D 76 -16.75 17.01 8.88
N ARG D 77 -17.80 16.22 9.10
CA ARG D 77 -19.02 16.39 8.33
C ARG D 77 -19.70 17.69 8.77
N THR D 78 -19.14 18.82 8.35
CA THR D 78 -19.64 20.14 8.70
C THR D 78 -19.76 20.97 7.43
N ALA D 79 -20.87 21.68 7.29
CA ALA D 79 -21.20 22.43 6.08
C ALA D 79 -21.43 23.88 6.46
N MET D 80 -20.37 24.69 6.41
CA MET D 80 -20.51 26.12 6.65
C MET D 80 -21.42 26.73 5.59
N TYR D 81 -22.21 27.72 6.00
CA TYR D 81 -23.24 28.29 5.15
C TYR D 81 -22.95 29.76 4.88
N ALA D 82 -23.38 30.23 3.73
CA ALA D 82 -23.32 31.65 3.40
C ALA D 82 -24.44 32.39 4.13
N GLN D 83 -24.13 33.61 4.57
CA GLN D 83 -25.12 34.37 5.33
C GLN D 83 -26.35 34.67 4.48
N GLY D 84 -26.16 35.06 3.22
CA GLY D 84 -27.29 35.28 2.34
C GLY D 84 -28.05 34.00 2.05
N PHE D 85 -27.32 32.89 1.92
CA PHE D 85 -27.91 31.57 1.64
C PHE D 85 -27.90 30.67 2.86
N GLN D 86 -28.08 31.26 4.05
CA GLN D 86 -28.04 30.47 5.27
C GLN D 86 -29.15 29.43 5.32
N GLY D 87 -30.24 29.63 4.58
CA GLY D 87 -31.36 28.71 4.64
C GLY D 87 -31.41 27.70 3.51
N ARG D 88 -31.22 28.15 2.27
CA ARG D 88 -31.46 27.31 1.12
C ARG D 88 -30.32 26.34 0.84
N VAL D 89 -29.08 26.73 1.16
CA VAL D 89 -27.94 25.87 0.87
C VAL D 89 -27.99 24.64 1.77
N THR D 90 -27.92 23.46 1.16
CA THR D 90 -27.92 22.19 1.89
C THR D 90 -26.90 21.28 1.26
N ILE D 91 -25.88 20.92 2.04
CA ILE D 91 -24.74 20.16 1.53
C ILE D 91 -24.89 18.70 1.97
N THR D 92 -24.74 17.79 1.02
CA THR D 92 -24.73 16.36 1.29
C THR D 92 -23.74 15.70 0.34
N ALA D 93 -23.02 14.69 0.82
CA ALA D 93 -21.96 14.08 0.04
C ALA D 93 -21.79 12.63 0.47
N ASP D 94 -20.80 11.97 -0.13
CA ASP D 94 -20.45 10.59 0.20
C ASP D 94 -18.94 10.46 0.24
N GLU D 95 -18.47 9.35 0.82
CA GLU D 95 -17.04 9.15 0.99
C GLU D 95 -16.29 9.20 -0.33
N SER D 96 -16.91 8.74 -1.42
CA SER D 96 -16.22 8.59 -2.69
C SER D 96 -15.77 9.94 -3.23
N THR D 97 -15.05 9.93 -4.36
CA THR D 97 -14.51 11.13 -4.97
C THR D 97 -15.58 12.01 -5.60
N SER D 98 -16.86 11.67 -5.46
CA SER D 98 -17.93 12.44 -6.07
C SER D 98 -19.13 12.39 -5.12
N LEU D 99 -20.31 12.75 -5.64
CA LEU D 99 -21.58 12.82 -4.92
C LEU D 99 -21.65 14.01 -3.97
N ALA D 100 -20.63 14.85 -3.89
CA ALA D 100 -20.65 16.04 -3.05
C ALA D 100 -21.29 17.18 -3.84
N TYR D 101 -22.35 17.75 -3.30
CA TYR D 101 -23.12 18.78 -4.01
C TYR D 101 -23.92 19.58 -2.99
N MET D 102 -24.77 20.46 -3.47
CA MET D 102 -25.70 21.23 -2.65
C MET D 102 -27.13 20.92 -3.05
N GLU D 103 -28.07 21.66 -2.47
CA GLU D 103 -29.47 21.61 -2.89
C GLU D 103 -30.06 23.00 -2.65
N LEU D 104 -30.06 23.83 -3.69
CA LEU D 104 -30.57 25.20 -3.61
C LEU D 104 -32.01 25.21 -4.10
N THR D 105 -32.94 25.42 -3.18
CA THR D 105 -34.37 25.41 -3.48
C THR D 105 -34.88 26.83 -3.69
N ASN D 106 -36.10 26.91 -4.24
CA ASN D 106 -36.78 28.18 -4.45
C ASN D 106 -35.97 29.08 -5.39
N LEU D 107 -35.78 28.59 -6.62
CA LEU D 107 -35.03 29.34 -7.61
C LEU D 107 -35.78 30.62 -8.00
N ARG D 108 -35.02 31.69 -8.22
CA ARG D 108 -35.57 32.97 -8.61
C ARG D 108 -34.60 33.61 -9.61
N SER D 109 -35.08 34.63 -10.32
CA SER D 109 -34.32 35.21 -11.42
C SER D 109 -32.91 35.61 -10.98
N GLU D 110 -32.77 36.11 -9.75
CA GLU D 110 -31.45 36.51 -9.27
C GLU D 110 -30.51 35.33 -9.10
N ASP D 111 -31.00 34.09 -9.16
CA ASP D 111 -30.14 32.92 -9.01
C ASP D 111 -29.52 32.47 -10.32
N THR D 112 -29.95 33.01 -11.46
CA THR D 112 -29.32 32.67 -12.73
C THR D 112 -27.84 33.00 -12.66
N ALA D 113 -26.99 32.01 -12.90
CA ALA D 113 -25.55 32.26 -12.75
C ALA D 113 -24.78 31.00 -13.15
N VAL D 114 -23.46 31.11 -13.10
CA VAL D 114 -22.56 30.00 -13.37
C VAL D 114 -21.88 29.63 -12.05
N TYR D 115 -21.94 28.34 -11.72
CA TYR D 115 -21.43 27.82 -10.46
C TYR D 115 -20.12 27.08 -10.70
N TYR D 116 -19.13 27.38 -9.88
CA TYR D 116 -17.80 26.81 -10.00
C TYR D 116 -17.44 26.13 -8.69
N CYS D 117 -16.83 24.96 -8.79
CA CYS D 117 -16.38 24.18 -7.64
C CYS D 117 -14.87 24.30 -7.54
N ALA D 118 -14.39 24.60 -6.35
CA ALA D 118 -12.95 24.67 -6.11
C ALA D 118 -12.58 23.74 -4.96
N ARG D 119 -11.29 23.42 -4.89
CA ARG D 119 -10.73 22.47 -3.94
C ARG D 119 -9.44 23.07 -3.41
N GLY D 120 -9.52 23.67 -2.23
CA GLY D 120 -8.36 24.27 -1.62
C GLY D 120 -7.69 23.35 -0.63
N PRO D 121 -6.53 23.73 -0.12
CA PRO D 121 -5.91 22.97 0.97
C PRO D 121 -6.74 23.09 2.24
N LEU D 122 -6.29 22.47 3.33
CA LEU D 122 -7.12 22.38 4.52
C LEU D 122 -7.52 23.75 5.03
N SER D 123 -6.55 24.55 5.47
CA SER D 123 -6.84 25.81 6.15
C SER D 123 -6.00 26.97 5.62
N ARG D 124 -5.48 26.87 4.39
CA ARG D 124 -4.69 27.97 3.85
C ARG D 124 -5.59 29.14 3.44
N GLY D 125 -6.73 28.84 2.81
CA GLY D 125 -7.68 29.86 2.44
C GLY D 125 -7.89 30.01 0.95
N TYR D 126 -6.81 29.96 0.18
CA TYR D 126 -6.92 30.10 -1.26
C TYR D 126 -7.53 28.86 -1.88
N TYR D 127 -8.34 29.05 -2.91
CA TYR D 127 -9.10 27.98 -3.55
C TYR D 127 -8.46 27.68 -4.91
N ASP D 128 -7.47 26.80 -4.89
CA ASP D 128 -6.75 26.40 -6.09
C ASP D 128 -7.54 25.34 -6.87
N TYR D 129 -7.22 25.22 -8.15
CA TYR D 129 -7.82 24.22 -9.04
C TYR D 129 -9.34 24.39 -9.10
N TRP D 130 -9.73 25.53 -9.67
CA TRP D 130 -11.14 25.75 -9.95
C TRP D 130 -11.60 24.77 -11.03
N GLY D 131 -12.80 24.21 -10.83
CA GLY D 131 -13.35 23.26 -11.75
C GLY D 131 -14.10 23.92 -12.89
N PRO D 132 -14.45 23.13 -13.91
CA PRO D 132 -15.26 23.69 -15.00
C PRO D 132 -16.59 24.22 -14.47
N GLY D 133 -17.03 25.34 -15.03
CA GLY D 133 -18.25 25.97 -14.57
C GLY D 133 -19.49 25.23 -15.04
N THR D 134 -20.62 25.58 -14.42
CA THR D 134 -21.91 25.02 -14.80
C THR D 134 -22.94 26.13 -14.83
N LEU D 135 -23.67 26.25 -15.93
CA LEU D 135 -24.62 27.32 -16.13
C LEU D 135 -25.99 26.89 -15.61
N VAL D 136 -26.67 27.79 -14.89
CA VAL D 136 -28.01 27.55 -14.39
C VAL D 136 -28.85 28.78 -14.69
N THR D 137 -30.04 28.54 -15.24
CA THR D 137 -30.97 29.59 -15.67
C THR D 137 -32.35 29.29 -15.10
N VAL D 138 -33.12 30.35 -14.91
CA VAL D 138 -34.49 30.23 -14.40
C VAL D 138 -35.34 31.32 -15.04
N SER D 139 -36.58 30.97 -15.35
CA SER D 139 -37.52 31.92 -15.96
C SER D 139 -38.27 32.69 -14.89
N SER E 22 -20.83 43.50 8.28
CA SER E 22 -20.36 42.95 6.98
C SER E 22 -18.97 43.48 6.64
N TYR E 23 -18.43 43.03 5.51
CA TYR E 23 -17.13 43.45 5.02
C TYR E 23 -17.24 43.76 3.54
N VAL E 24 -16.48 44.77 3.10
CA VAL E 24 -16.51 45.21 1.71
C VAL E 24 -15.07 45.45 1.25
N LEU E 25 -14.74 44.94 0.07
CA LEU E 25 -13.46 45.18 -0.58
C LEU E 25 -13.68 45.99 -1.85
N THR E 26 -12.84 46.99 -2.07
CA THR E 26 -13.01 47.95 -3.14
C THR E 26 -11.84 47.86 -4.12
N GLN E 27 -12.17 47.85 -5.41
CA GLN E 27 -11.18 47.84 -6.47
C GLN E 27 -11.62 48.80 -7.57
N PRO E 28 -10.68 49.33 -8.36
CA PRO E 28 -11.06 50.24 -9.44
C PRO E 28 -11.87 49.50 -10.50
N PRO E 29 -12.78 50.19 -11.17
CA PRO E 29 -13.65 49.48 -12.13
C PRO E 29 -12.92 48.98 -13.36
N SER E 30 -12.00 49.76 -13.91
CA SER E 30 -11.30 49.37 -15.13
C SER E 30 -9.96 50.06 -15.20
N VAL E 31 -9.08 49.51 -16.03
CA VAL E 31 -7.75 50.07 -16.26
C VAL E 31 -7.37 49.86 -17.71
N SER E 32 -6.67 50.84 -18.29
CA SER E 32 -6.22 50.78 -19.67
C SER E 32 -4.74 51.10 -19.71
N VAL E 33 -3.97 50.31 -20.47
CA VAL E 33 -2.53 50.49 -20.59
C VAL E 33 -2.10 50.15 -22.01
N ALA E 34 -0.86 50.52 -22.34
CA ALA E 34 -0.24 50.26 -23.63
C ALA E 34 0.69 49.08 -23.55
N PRO E 35 0.97 48.41 -24.68
CA PRO E 35 1.78 47.19 -24.63
C PRO E 35 3.17 47.46 -24.06
N GLY E 36 3.67 46.48 -23.32
CA GLY E 36 5.00 46.55 -22.75
C GLY E 36 5.13 47.41 -21.51
N GLN E 37 4.05 48.07 -21.08
CA GLN E 37 4.08 48.92 -19.91
C GLN E 37 3.57 48.17 -18.69
N THR E 38 3.56 48.85 -17.55
CA THR E 38 3.16 48.27 -16.28
C THR E 38 1.75 48.71 -15.91
N ALA E 39 0.98 47.79 -15.34
CA ALA E 39 -0.38 48.05 -14.90
C ALA E 39 -0.52 47.65 -13.44
N SER E 40 -1.23 48.47 -12.66
CA SER E 40 -1.42 48.24 -11.24
C SER E 40 -2.91 48.26 -10.92
N ILE E 41 -3.36 47.24 -10.19
CA ILE E 41 -4.76 47.12 -9.77
C ILE E 41 -4.79 47.08 -8.25
N THR E 42 -5.64 47.90 -7.64
CA THR E 42 -5.66 48.05 -6.20
C THR E 42 -6.98 47.54 -5.61
N CYS E 43 -6.85 46.72 -4.56
CA CYS E 43 -7.96 46.20 -3.78
C CYS E 43 -7.81 46.76 -2.37
N SER E 44 -8.72 47.65 -1.98
CA SER E 44 -8.60 48.40 -0.73
C SER E 44 -9.78 48.10 0.18
N GLY E 45 -9.49 47.94 1.47
CA GLY E 45 -10.51 47.65 2.45
C GLY E 45 -10.08 48.13 3.81
N ASP E 46 -10.92 47.86 4.80
CA ASP E 46 -10.68 48.32 6.17
C ASP E 46 -9.67 47.41 6.84
N LYS E 47 -8.51 47.96 7.17
CA LYS E 47 -7.47 47.22 7.89
C LYS E 47 -7.14 45.91 7.19
N LEU E 48 -7.06 45.97 5.86
CA LEU E 48 -6.80 44.78 5.06
C LEU E 48 -5.38 44.24 5.23
N GLY E 49 -4.50 44.99 5.89
CA GLY E 49 -3.14 44.54 6.06
C GLY E 49 -2.99 43.30 6.92
N ASP E 50 -4.04 42.92 7.66
CA ASP E 50 -4.00 41.73 8.52
C ASP E 50 -4.82 40.58 7.97
N LYS E 51 -5.41 40.71 6.79
CA LYS E 51 -6.14 39.64 6.14
C LYS E 51 -5.35 39.15 4.94
N TYR E 52 -5.18 37.84 4.84
CA TYR E 52 -4.54 37.28 3.67
C TYR E 52 -5.39 37.54 2.43
N VAL E 53 -4.74 37.95 1.35
CA VAL E 53 -5.43 38.33 0.11
C VAL E 53 -4.87 37.48 -1.02
N SER E 54 -5.77 36.97 -1.86
CA SER E 54 -5.41 36.15 -3.01
C SER E 54 -6.00 36.75 -4.27
N TRP E 55 -5.28 36.63 -5.38
CA TRP E 55 -5.69 37.23 -6.65
C TRP E 55 -6.03 36.14 -7.66
N TYR E 56 -7.23 36.25 -8.24
CA TYR E 56 -7.69 35.34 -9.28
C TYR E 56 -7.70 36.09 -10.61
N GLN E 57 -7.41 35.36 -11.69
CA GLN E 57 -7.50 35.88 -13.04
C GLN E 57 -8.48 35.03 -13.82
N GLN E 58 -9.48 35.67 -14.42
CA GLN E 58 -10.48 34.98 -15.22
C GLN E 58 -10.52 35.63 -16.59
N ARG E 59 -10.18 34.85 -17.61
CA ARG E 59 -10.33 35.26 -18.99
C ARG E 59 -11.80 35.16 -19.42
N PRO E 60 -12.19 35.82 -20.50
CA PRO E 60 -13.59 35.76 -20.93
C PRO E 60 -14.11 34.34 -21.11
N GLY E 61 -15.16 33.99 -20.37
CA GLY E 61 -15.78 32.68 -20.51
C GLY E 61 -14.88 31.53 -20.11
N GLN E 62 -14.16 31.65 -19.01
CA GLN E 62 -13.29 30.60 -18.51
C GLN E 62 -13.42 30.51 -17.00
N SER E 63 -13.14 29.31 -16.48
CA SER E 63 -13.11 29.14 -15.03
C SER E 63 -11.89 29.87 -14.46
N PRO E 64 -12.03 30.62 -13.37
CA PRO E 64 -10.89 31.41 -12.87
C PRO E 64 -9.65 30.58 -12.64
N VAL E 65 -8.50 31.24 -12.50
CA VAL E 65 -7.24 30.59 -12.18
C VAL E 65 -6.51 31.41 -11.14
N LEU E 66 -5.93 30.74 -10.16
CA LEU E 66 -5.23 31.40 -9.07
C LEU E 66 -3.89 31.91 -9.57
N VAL E 67 -3.67 33.23 -9.51
CA VAL E 67 -2.40 33.79 -9.93
C VAL E 67 -1.52 34.21 -8.76
N LEU E 68 -2.11 34.55 -7.62
CA LEU E 68 -1.34 34.89 -6.43
C LEU E 68 -2.12 34.45 -5.21
N TYR E 69 -1.41 33.86 -4.25
CA TYR E 69 -2.00 33.50 -2.97
C TYR E 69 -1.06 33.97 -1.87
N GLN E 70 -1.62 34.19 -0.68
CA GLN E 70 -0.87 34.77 0.44
C GLN E 70 -0.30 36.12 0.06
N ASP E 71 -1.10 36.90 -0.69
CA ASP E 71 -0.73 38.25 -1.12
C ASP E 71 0.39 38.23 -2.14
N SER E 72 1.58 37.79 -1.74
CA SER E 72 2.77 37.87 -2.58
C SER E 72 3.07 36.58 -3.34
N LYS E 73 2.94 35.43 -2.68
CA LYS E 73 3.35 34.18 -3.30
C LYS E 73 2.47 33.86 -4.51
N ARG E 74 3.07 33.17 -5.48
CA ARG E 74 2.39 32.77 -6.71
C ARG E 74 2.55 31.28 -6.91
N PRO E 75 1.60 30.64 -7.59
CA PRO E 75 1.71 29.20 -7.85
C PRO E 75 2.64 28.92 -9.02
N SER E 76 2.99 27.64 -9.15
CA SER E 76 3.83 27.21 -10.26
C SER E 76 3.09 27.36 -11.58
N GLY E 77 3.84 27.60 -12.65
CA GLY E 77 3.27 27.81 -13.95
C GLY E 77 2.81 29.22 -14.23
N ILE E 78 3.08 30.17 -13.34
CA ILE E 78 2.74 31.57 -13.52
C ILE E 78 4.02 32.34 -13.76
N PRO E 79 4.09 33.19 -14.79
CA PRO E 79 5.35 33.89 -15.07
C PRO E 79 5.75 34.81 -13.92
N GLU E 80 7.06 35.00 -13.78
CA GLU E 80 7.58 35.90 -12.75
C GLU E 80 7.12 37.33 -12.96
N ARG E 81 6.64 37.66 -14.16
CA ARG E 81 6.17 39.01 -14.44
C ARG E 81 5.07 39.45 -13.49
N PHE E 82 4.25 38.51 -13.04
CA PHE E 82 3.14 38.83 -12.15
C PHE E 82 3.68 39.12 -10.75
N SER E 83 3.22 40.21 -10.13
CA SER E 83 3.66 40.54 -8.79
C SER E 83 2.50 41.11 -8.00
N GLY E 84 2.59 41.01 -6.69
CA GLY E 84 1.56 41.55 -5.83
C GLY E 84 2.07 41.77 -4.43
N SER E 85 1.34 42.61 -3.70
CA SER E 85 1.71 42.97 -2.34
C SER E 85 0.46 43.43 -1.61
N ASN E 86 0.56 43.49 -0.28
CA ASN E 86 -0.55 43.97 0.52
C ASN E 86 -0.01 44.55 1.83
N SER E 87 -0.42 45.77 2.14
CA SER E 87 0.02 46.42 3.37
C SER E 87 -0.95 47.53 3.72
N GLY E 88 -0.88 47.97 4.97
CA GLY E 88 -1.72 49.06 5.43
C GLY E 88 -3.19 48.74 5.24
N ASN E 89 -3.82 49.41 4.27
CA ASN E 89 -5.22 49.18 3.95
C ASN E 89 -5.42 48.89 2.46
N THR E 90 -4.34 48.57 1.73
CA THR E 90 -4.42 48.36 0.30
C THR E 90 -3.57 47.18 -0.12
N ALA E 91 -4.00 46.51 -1.19
CA ALA E 91 -3.25 45.43 -1.81
C ALA E 91 -3.16 45.71 -3.30
N THR E 92 -1.95 45.62 -3.86
CA THR E 92 -1.72 45.95 -5.25
C THR E 92 -1.28 44.72 -6.04
N LEU E 93 -1.77 44.63 -7.27
CA LEU E 93 -1.38 43.62 -8.25
C LEU E 93 -0.70 44.36 -9.38
N THR E 94 0.63 44.22 -9.45
CA THR E 94 1.45 44.92 -10.43
C THR E 94 1.93 43.93 -11.49
N ILE E 95 1.67 44.24 -12.75
CA ILE E 95 2.11 43.45 -13.88
C ILE E 95 3.02 44.33 -14.74
N SER E 96 4.20 43.80 -15.07
CA SER E 96 5.18 44.53 -15.86
C SER E 96 5.28 43.92 -17.25
N GLY E 97 5.24 44.78 -18.27
CA GLY E 97 5.30 44.32 -19.64
C GLY E 97 4.01 43.66 -20.08
N THR E 98 2.93 44.43 -20.15
CA THR E 98 1.64 43.89 -20.57
C THR E 98 1.68 43.45 -22.03
N GLN E 99 0.86 42.46 -22.36
CA GLN E 99 0.62 42.08 -23.74
C GLN E 99 -0.82 41.58 -23.86
N ALA E 100 -1.19 41.21 -25.09
CA ALA E 100 -2.56 40.80 -25.37
C ALA E 100 -2.95 39.52 -24.64
N MET E 101 -1.99 38.79 -24.08
CA MET E 101 -2.28 37.59 -23.32
C MET E 101 -2.44 37.87 -21.83
N ASP E 102 -2.41 39.13 -21.41
CA ASP E 102 -2.66 39.52 -20.03
C ASP E 102 -3.89 40.43 -19.93
N GLU E 103 -4.91 40.13 -20.74
CA GLU E 103 -6.17 40.88 -20.76
C GLU E 103 -7.26 39.97 -20.20
N ALA E 104 -7.72 40.25 -18.99
CA ALA E 104 -8.69 39.41 -18.31
C ALA E 104 -9.05 40.07 -16.99
N ASP E 105 -10.19 39.68 -16.43
CA ASP E 105 -10.61 40.25 -15.17
C ASP E 105 -9.78 39.69 -14.02
N TYR E 106 -9.59 40.51 -12.99
CA TYR E 106 -8.85 40.12 -11.80
C TYR E 106 -9.70 40.39 -10.57
N TYR E 107 -9.72 39.42 -9.66
CA TYR E 107 -10.54 39.48 -8.46
C TYR E 107 -9.69 39.31 -7.21
N CYS E 108 -10.02 40.09 -6.19
CA CYS E 108 -9.31 40.11 -4.92
C CYS E 108 -10.14 39.39 -3.87
N GLN E 109 -9.52 38.45 -3.15
CA GLN E 109 -10.22 37.58 -2.22
C GLN E 109 -9.60 37.66 -0.84
N ALA E 110 -10.48 37.64 0.18
CA ALA E 110 -10.11 37.69 1.58
C ALA E 110 -11.16 36.99 2.41
N TRP E 111 -10.74 36.50 3.57
CA TRP E 111 -11.60 35.83 4.54
C TRP E 111 -11.78 36.74 5.75
N ASP E 112 -13.02 36.92 6.19
CA ASP E 112 -13.32 37.80 7.31
C ASP E 112 -14.49 37.25 8.12
N SER E 113 -14.25 37.01 9.41
CA SER E 113 -15.29 36.66 10.38
C SER E 113 -16.16 35.52 9.86
N SER E 114 -15.50 34.39 9.56
CA SER E 114 -16.19 33.20 9.07
C SER E 114 -17.05 33.53 7.86
N ALA E 115 -16.50 34.33 6.95
CA ALA E 115 -17.18 34.67 5.71
C ALA E 115 -16.14 34.92 4.63
N LEU E 116 -16.50 34.62 3.40
CA LEU E 116 -15.62 34.78 2.24
C LEU E 116 -16.09 35.97 1.43
N VAL E 117 -15.16 36.88 1.12
CA VAL E 117 -15.46 38.12 0.43
C VAL E 117 -14.71 38.14 -0.89
N PHE E 118 -15.42 38.44 -1.97
CA PHE E 118 -14.85 38.57 -3.30
C PHE E 118 -14.92 40.03 -3.74
N GLY E 119 -13.76 40.65 -3.92
CA GLY E 119 -13.73 42.03 -4.36
C GLY E 119 -14.25 42.19 -5.76
N GLY E 120 -14.48 43.45 -6.14
CA GLY E 120 -14.96 43.74 -7.47
C GLY E 120 -13.95 43.41 -8.55
N GLY E 121 -14.46 43.17 -9.75
CA GLY E 121 -13.61 42.82 -10.88
C GLY E 121 -13.09 44.06 -11.58
N THR E 122 -11.79 44.07 -11.86
CA THR E 122 -11.13 45.16 -12.57
C THR E 122 -10.75 44.66 -13.96
N LYS E 123 -11.45 45.14 -14.97
CA LYS E 123 -11.21 44.70 -16.34
C LYS E 123 -9.94 45.36 -16.85
N LEU E 124 -9.00 44.55 -17.33
CA LEU E 124 -7.76 45.03 -17.91
C LEU E 124 -7.82 44.92 -19.42
N THR E 125 -7.60 46.03 -20.11
CA THR E 125 -7.66 46.09 -21.56
C THR E 125 -6.38 46.74 -22.08
N VAL E 126 -5.74 46.09 -23.05
CA VAL E 126 -4.52 46.62 -23.64
C VAL E 126 -4.85 47.34 -24.95
#